data_7A28
#
_entry.id   7A28
#
_cell.length_a   116.990
_cell.length_b   116.530
_cell.length_c   69.150
_cell.angle_alpha   90.000
_cell.angle_beta   108.580
_cell.angle_gamma   90.000
#
_symmetry.space_group_name_H-M   'C 1 2 1'
#
loop_
_entity.id
_entity.type
_entity.pdbx_description
1 polymer Phosphodiesterase
2 non-polymer 1-cycloheptyl-3-(4-methoxy-3-{4-[4-(1H-1,2,3,4-tetrazol-5-yl)phenoxy]butoxy}phenyl)-4,4-dimethyl-4,5-dihydro-1H-pyrazol-5-one
3 non-polymer 'ZINC ION'
4 non-polymer 'MAGNESIUM ION'
5 non-polymer DI(HYDROXYETHYL)ETHER
6 non-polymer GLYCEROL
7 non-polymer GUANIDINE
8 water water
#
_entity_poly.entity_id   1
_entity_poly.type   'polypeptide(L)'
_entity_poly.pdbx_seq_one_letter_code
;GSHMASELNEHRATLFNKNVPSRAVKRVTAITKVEREAVLVCELPSFDVTDVEFDLFRARESTDKPLDVAAAIAYRLLLG
SGLPQKFGCSDEVLLNFILQCRKKYRNVPYHNFYHVVDVCQTIHTFLYRGNVYEKLTELECFVLLITALVHDLDHMGLNN
SFYLKTESPLGILSSASGNTSVLEVHHCNLAVEILSDPESDVFDGLEGAERTLAFRSMIDCVLATDMAKHGSALEAFLAS
AADQSSDEAAFHRMTMEIILKAGDISNVTKPFDISRQWAMAVTEEFYRQGDMEKERGVEVLPMFDRSKNMELAKGQIGFI
DFVAAPFFQKIVDACLQGMQWTVDRIKSNRAQWERVLETR
;
_entity_poly.pdbx_strand_id   A,B
#
# COMPACT_ATOMS: atom_id res chain seq x y z
N VAL A 28 5.26 31.01 32.13
CA VAL A 28 4.21 32.06 31.86
C VAL A 28 4.67 32.93 30.67
N THR A 29 5.77 32.59 29.98
CA THR A 29 6.56 33.51 29.11
C THR A 29 5.92 33.64 27.71
N ALA A 30 5.53 34.87 27.32
CA ALA A 30 4.79 35.20 26.08
C ALA A 30 5.58 34.86 24.80
N ILE A 31 4.87 34.44 23.76
CA ILE A 31 5.41 34.16 22.39
C ILE A 31 5.73 35.50 21.72
N THR A 32 6.91 35.61 21.08
CA THR A 32 7.41 36.83 20.38
C THR A 32 6.95 36.83 18.92
N LYS A 33 6.92 38.01 18.30
CA LYS A 33 6.60 38.23 16.85
C LYS A 33 7.57 37.41 15.98
N VAL A 34 8.85 37.30 16.38
CA VAL A 34 9.92 36.61 15.60
C VAL A 34 9.61 35.11 15.57
N GLU A 35 9.17 34.55 16.69
CA GLU A 35 8.74 33.11 16.79
C GLU A 35 7.56 32.88 15.86
N ARG A 36 6.55 33.76 15.87
CA ARG A 36 5.38 33.66 14.95
C ARG A 36 5.83 33.71 13.48
N GLU A 37 6.72 34.66 13.12
CA GLU A 37 7.14 34.89 11.71
C GLU A 37 7.83 33.65 11.15
N ALA A 38 8.63 32.95 11.95
CA ALA A 38 9.36 31.73 11.56
C ALA A 38 8.39 30.62 11.12
N VAL A 39 7.17 30.56 11.70
CA VAL A 39 6.13 29.58 11.27
C VAL A 39 5.45 30.11 10.00
N LEU A 40 5.04 31.38 9.99
CA LEU A 40 4.22 31.98 8.91
C LEU A 40 4.95 31.91 7.55
N VAL A 41 6.29 31.95 7.54
CA VAL A 41 7.10 31.91 6.29
C VAL A 41 7.01 30.53 5.61
N CYS A 42 6.64 29.46 6.32
CA CYS A 42 6.60 28.09 5.70
C CYS A 42 5.42 27.94 4.76
N GLU A 43 5.65 27.58 3.51
CA GLU A 43 4.53 27.50 2.54
C GLU A 43 4.07 26.05 2.27
N LEU A 44 4.83 25.06 2.72
CA LEU A 44 4.47 23.62 2.53
C LEU A 44 4.14 23.32 1.06
N PRO A 45 4.99 23.70 0.08
CA PRO A 45 4.70 23.39 -1.32
C PRO A 45 4.83 21.87 -1.53
N SER A 46 3.91 21.30 -2.31
CA SER A 46 3.74 19.87 -2.68
C SER A 46 3.06 19.04 -1.59
N PHE A 47 2.50 19.66 -0.55
CA PHE A 47 1.85 18.85 0.51
C PHE A 47 0.36 19.17 0.58
N ASP A 48 -0.46 18.14 0.82
CA ASP A 48 -1.92 18.28 1.07
C ASP A 48 -2.14 17.73 2.48
N VAL A 49 -2.18 18.61 3.47
CA VAL A 49 -2.27 18.25 4.91
C VAL A 49 -3.62 17.57 5.20
N THR A 50 -4.60 17.63 4.28
CA THR A 50 -5.93 17.00 4.50
C THR A 50 -5.97 15.53 4.04
N ASP A 51 -4.92 15.02 3.40
CA ASP A 51 -4.95 13.72 2.66
C ASP A 51 -4.57 12.56 3.58
N VAL A 52 -5.18 11.38 3.42
CA VAL A 52 -4.89 10.18 4.26
C VAL A 52 -3.48 9.63 3.98
N GLU A 53 -2.85 10.00 2.85
CA GLU A 53 -1.49 9.54 2.47
C GLU A 53 -0.46 10.64 2.70
N PHE A 54 -0.83 11.74 3.33
CA PHE A 54 0.12 12.78 3.79
C PHE A 54 1.28 12.13 4.58
N ASP A 55 2.52 12.58 4.30
CA ASP A 55 3.77 12.00 4.84
C ASP A 55 4.52 13.05 5.66
N LEU A 56 4.36 13.01 6.99
CA LEU A 56 5.03 13.92 7.96
C LEU A 56 6.55 13.73 7.94
N PHE A 57 7.05 12.50 7.76
CA PHE A 57 8.51 12.24 7.66
C PHE A 57 9.09 12.98 6.44
N ARG A 58 8.41 12.91 5.28
CA ARG A 58 8.84 13.67 4.07
C ARG A 58 8.78 15.18 4.34
N ALA A 59 7.74 15.69 5.02
CA ALA A 59 7.65 17.12 5.40
C ALA A 59 8.83 17.52 6.32
N ARG A 60 9.22 16.68 7.27
CA ARG A 60 10.35 16.99 8.18
C ARG A 60 11.69 17.05 7.39
N GLU A 61 11.92 16.16 6.44
CA GLU A 61 13.18 16.09 5.64
C GLU A 61 13.24 17.23 4.60
N SER A 62 12.13 17.93 4.32
CA SER A 62 12.02 18.88 3.19
C SER A 62 12.68 20.22 3.54
N THR A 63 13.15 20.40 4.76
CA THR A 63 13.56 21.72 5.32
C THR A 63 14.57 21.46 6.42
N ASP A 64 15.39 22.45 6.74
CA ASP A 64 16.37 22.39 7.86
C ASP A 64 15.73 22.91 9.16
N LYS A 65 14.48 23.40 9.10
CA LYS A 65 13.64 23.82 10.28
C LYS A 65 12.39 22.92 10.44
N PRO A 66 12.54 21.63 10.76
CA PRO A 66 11.37 20.74 10.85
C PRO A 66 10.35 21.14 11.94
N LEU A 67 10.80 21.75 13.03
CA LEU A 67 9.90 22.25 14.12
C LEU A 67 8.99 23.36 13.59
N ASP A 68 9.44 24.18 12.65
CA ASP A 68 8.63 25.29 12.11
C ASP A 68 7.61 24.71 11.13
N VAL A 69 8.04 23.78 10.29
CA VAL A 69 7.17 23.07 9.30
C VAL A 69 6.04 22.33 10.06
N ALA A 70 6.37 21.65 11.15
CA ALA A 70 5.39 20.87 11.96
C ALA A 70 4.34 21.84 12.54
N ALA A 71 4.79 22.98 13.09
CA ALA A 71 3.89 24.04 13.64
C ALA A 71 3.01 24.60 12.52
N ALA A 72 3.54 24.72 11.29
CA ALA A 72 2.79 25.27 10.13
C ALA A 72 1.72 24.27 9.68
N ILE A 73 2.01 22.98 9.76
CA ILE A 73 1.02 21.91 9.43
C ILE A 73 -0.16 22.04 10.39
N ALA A 74 0.09 22.15 11.70
CA ALA A 74 -0.97 22.27 12.73
C ALA A 74 -1.80 23.54 12.49
N TYR A 75 -1.14 24.66 12.23
CA TYR A 75 -1.79 25.96 11.97
C TYR A 75 -2.71 25.87 10.75
N ARG A 76 -2.23 25.28 9.65
CA ARG A 76 -3.04 25.15 8.42
C ARG A 76 -4.23 24.25 8.66
N LEU A 77 -4.03 23.14 9.39
CA LEU A 77 -5.14 22.21 9.67
C LEU A 77 -6.24 22.92 10.46
N LEU A 78 -5.88 23.69 11.49
CA LEU A 78 -6.89 24.36 12.36
C LEU A 78 -7.64 25.47 11.59
N LEU A 79 -6.93 26.35 10.86
CA LEU A 79 -7.58 27.42 10.05
C LEU A 79 -8.44 26.84 8.90
N GLY A 80 -7.99 25.78 8.24
CA GLY A 80 -8.72 25.15 7.11
C GLY A 80 -10.01 24.48 7.55
N SER A 81 -10.12 24.11 8.82
CA SER A 81 -11.36 23.53 9.38
C SER A 81 -12.48 24.60 9.42
N GLY A 82 -12.08 25.87 9.49
CA GLY A 82 -12.98 27.03 9.68
C GLY A 82 -13.49 27.16 11.11
N LEU A 83 -13.00 26.35 12.06
CA LEU A 83 -13.57 26.29 13.44
C LEU A 83 -13.07 27.43 14.34
N PRO A 84 -11.77 27.76 14.42
CA PRO A 84 -11.29 28.80 15.35
C PRO A 84 -12.03 30.14 15.16
N GLN A 85 -12.15 30.57 13.90
CA GLN A 85 -12.90 31.75 13.43
C GLN A 85 -14.29 31.76 14.11
N LYS A 86 -15.02 30.64 14.07
CA LYS A 86 -16.41 30.57 14.59
C LYS A 86 -16.48 30.73 16.11
N PHE A 87 -15.40 30.49 16.86
CA PHE A 87 -15.45 30.47 18.35
C PHE A 87 -14.64 31.63 18.93
N GLY A 88 -14.41 32.68 18.15
CA GLY A 88 -13.74 33.93 18.58
C GLY A 88 -12.27 33.75 18.92
N CYS A 89 -11.59 32.76 18.31
CA CYS A 89 -10.13 32.54 18.41
C CYS A 89 -9.45 33.18 17.19
N SER A 90 -8.70 34.25 17.40
CA SER A 90 -7.92 34.96 16.34
C SER A 90 -6.81 34.04 15.82
N ASP A 91 -6.33 34.33 14.62
CA ASP A 91 -5.13 33.71 14.01
C ASP A 91 -3.96 33.78 15.00
N GLU A 92 -3.77 34.91 15.68
CA GLU A 92 -2.56 35.13 16.50
C GLU A 92 -2.62 34.28 17.80
N VAL A 93 -3.77 34.23 18.45
CA VAL A 93 -3.95 33.42 19.68
C VAL A 93 -3.76 31.95 19.30
N LEU A 94 -4.22 31.52 18.12
CA LEU A 94 -4.08 30.10 17.68
C LEU A 94 -2.61 29.77 17.57
N LEU A 95 -1.83 30.63 16.88
CA LEU A 95 -0.39 30.37 16.65
C LEU A 95 0.34 30.45 17.99
N ASN A 96 -0.03 31.36 18.88
CA ASN A 96 0.60 31.44 20.23
C ASN A 96 0.41 30.08 20.97
N PHE A 97 -0.83 29.58 21.01
CA PHE A 97 -1.18 28.28 21.61
C PHE A 97 -0.27 27.18 21.01
N ILE A 98 -0.19 27.11 19.69
CA ILE A 98 0.59 26.02 19.01
C ILE A 98 2.04 26.08 19.51
N LEU A 99 2.62 27.28 19.64
CA LEU A 99 4.06 27.46 20.01
C LEU A 99 4.28 27.25 21.52
N GLN A 100 3.30 27.57 22.38
CA GLN A 100 3.40 27.21 23.84
C GLN A 100 3.36 25.68 24.01
N CYS A 101 2.56 24.97 23.20
CA CYS A 101 2.53 23.48 23.20
C CYS A 101 3.92 22.97 22.77
N ARG A 102 4.45 23.52 21.66
CA ARG A 102 5.73 23.04 21.06
C ARG A 102 6.87 23.13 22.08
N LYS A 103 6.97 24.23 22.83
CA LYS A 103 8.04 24.44 23.85
C LYS A 103 8.02 23.37 24.96
N LYS A 104 6.91 22.66 25.19
CA LYS A 104 6.84 21.69 26.33
C LYS A 104 7.02 20.24 25.85
N TYR A 105 7.35 20.01 24.58
CA TYR A 105 7.73 18.64 24.09
C TYR A 105 9.25 18.53 24.16
N ARG A 106 9.72 17.33 24.43
CA ARG A 106 11.15 17.02 24.66
C ARG A 106 11.74 16.34 23.43
N ASN A 107 13.06 16.29 23.39
CA ASN A 107 13.83 15.63 22.31
C ASN A 107 13.91 14.14 22.67
N VAL A 108 12.80 13.40 22.56
CA VAL A 108 12.74 11.91 22.71
C VAL A 108 12.40 11.31 21.34
N PRO A 109 12.63 10.00 21.12
CA PRO A 109 12.47 9.42 19.80
C PRO A 109 11.04 9.37 19.24
N TYR A 110 10.02 9.16 20.10
CA TYR A 110 8.61 8.95 19.67
C TYR A 110 7.67 10.02 20.25
N HIS A 111 7.62 10.21 21.57
CA HIS A 111 6.63 11.11 22.23
C HIS A 111 7.15 12.55 22.21
N ASN A 112 7.39 13.06 21.01
CA ASN A 112 7.89 14.43 20.74
C ASN A 112 6.76 15.22 20.04
N PHE A 113 7.05 16.45 19.62
CA PHE A 113 6.09 17.35 18.94
C PHE A 113 5.54 16.71 17.66
N TYR A 114 6.34 15.90 16.95
CA TYR A 114 5.97 15.30 15.65
C TYR A 114 4.81 14.29 15.88
N HIS A 115 4.84 13.53 16.97
CA HIS A 115 3.73 12.61 17.31
C HIS A 115 2.41 13.39 17.49
N VAL A 116 2.40 14.53 18.19
CA VAL A 116 1.10 15.19 18.53
C VAL A 116 0.58 15.92 17.28
N VAL A 117 1.45 16.40 16.39
CA VAL A 117 1.04 16.99 15.08
C VAL A 117 0.50 15.88 14.16
N ASP A 118 1.14 14.70 14.17
CA ASP A 118 0.63 13.49 13.47
C ASP A 118 -0.80 13.16 13.95
N VAL A 119 -1.00 13.12 15.28
CA VAL A 119 -2.33 12.76 15.85
C VAL A 119 -3.38 13.82 15.45
N CYS A 120 -3.03 15.12 15.45
CA CYS A 120 -3.89 16.25 15.02
C CYS A 120 -4.31 16.05 13.54
N GLN A 121 -3.32 15.84 12.64
CA GLN A 121 -3.54 15.58 11.18
C GLN A 121 -4.42 14.34 10.99
N THR A 122 -4.13 13.26 11.72
CA THR A 122 -4.86 11.97 11.57
C THR A 122 -6.33 12.19 11.98
N ILE A 123 -6.58 12.85 13.11
CA ILE A 123 -7.97 13.13 13.60
C ILE A 123 -8.73 13.96 12.56
N HIS A 124 -8.08 14.96 11.96
CA HIS A 124 -8.66 15.76 10.85
C HIS A 124 -9.17 14.79 9.77
N THR A 125 -8.37 13.78 9.36
CA THR A 125 -8.79 12.85 8.29
C THR A 125 -9.99 12.02 8.78
N PHE A 126 -9.96 11.53 10.02
CA PHE A 126 -11.10 10.74 10.59
C PHE A 126 -12.38 11.59 10.57
N LEU A 127 -12.30 12.87 10.96
CA LEU A 127 -13.51 13.76 11.05
C LEU A 127 -14.04 14.04 9.63
N TYR A 128 -13.17 14.40 8.69
CA TYR A 128 -13.59 15.04 7.41
C TYR A 128 -13.49 14.08 6.22
N ARG A 129 -12.53 13.13 6.18
CA ARG A 129 -12.52 12.07 5.13
C ARG A 129 -13.38 10.86 5.57
N GLY A 130 -13.45 10.55 6.87
CA GLY A 130 -14.28 9.45 7.38
C GLY A 130 -15.66 9.88 7.85
N ASN A 131 -15.97 11.17 7.77
CA ASN A 131 -17.30 11.78 8.03
C ASN A 131 -17.75 11.61 9.49
N VAL A 132 -16.82 11.42 10.43
CA VAL A 132 -17.18 11.35 11.86
C VAL A 132 -17.66 12.75 12.35
N TYR A 133 -17.32 13.85 11.66
CA TYR A 133 -17.82 15.23 11.99
C TYR A 133 -19.35 15.21 12.13
N GLU A 134 -20.04 14.32 11.39
CA GLU A 134 -21.53 14.23 11.36
C GLU A 134 -22.07 13.84 12.74
N LYS A 135 -21.27 13.18 13.57
CA LYS A 135 -21.69 12.68 14.92
C LYS A 135 -21.46 13.71 16.06
N LEU A 136 -20.77 14.83 15.79
CA LEU A 136 -20.25 15.79 16.83
C LEU A 136 -20.69 17.23 16.48
N THR A 137 -20.74 18.13 17.47
CA THR A 137 -20.96 19.58 17.22
C THR A 137 -19.68 20.14 16.59
N GLU A 138 -19.75 21.34 16.03
CA GLU A 138 -18.56 22.09 15.59
C GLU A 138 -17.63 22.33 16.80
N LEU A 139 -18.16 22.69 17.98
CA LEU A 139 -17.29 22.92 19.18
C LEU A 139 -16.50 21.64 19.49
N GLU A 140 -17.15 20.48 19.52
CA GLU A 140 -16.49 19.18 19.82
C GLU A 140 -15.39 18.89 18.77
N CYS A 141 -15.62 19.15 17.48
CA CYS A 141 -14.59 19.02 16.41
C CYS A 141 -13.39 19.92 16.72
N PHE A 142 -13.65 21.19 17.09
CA PHE A 142 -12.60 22.16 17.48
C PHE A 142 -11.82 21.66 18.70
N VAL A 143 -12.52 21.21 19.74
CA VAL A 143 -11.84 20.68 20.97
C VAL A 143 -10.94 19.47 20.60
N LEU A 144 -11.40 18.57 19.72
CA LEU A 144 -10.61 17.35 19.41
C LEU A 144 -9.30 17.74 18.72
N LEU A 145 -9.34 18.66 17.74
CA LEU A 145 -8.11 19.11 17.01
C LEU A 145 -7.12 19.78 17.97
N ILE A 146 -7.62 20.59 18.90
CA ILE A 146 -6.79 21.29 19.94
C ILE A 146 -6.23 20.25 20.92
N THR A 147 -7.06 19.30 21.38
CA THR A 147 -6.66 18.30 22.39
C THR A 147 -5.49 17.44 21.86
N ALA A 148 -5.48 17.14 20.57
CA ALA A 148 -4.36 16.38 19.96
C ALA A 148 -3.01 17.03 20.33
N LEU A 149 -2.95 18.35 20.34
CA LEU A 149 -1.66 19.08 20.49
C LEU A 149 -1.24 19.12 21.98
N VAL A 150 -2.17 18.90 22.95
CA VAL A 150 -1.82 18.93 24.40
C VAL A 150 -1.63 17.50 24.96
N HIS A 151 -1.98 16.43 24.24
CA HIS A 151 -2.33 15.13 24.89
C HIS A 151 -1.08 14.40 25.47
N ASP A 152 0.15 14.80 25.11
CA ASP A 152 1.39 14.17 25.64
C ASP A 152 2.39 15.22 26.20
N LEU A 153 1.94 16.41 26.63
CA LEU A 153 2.85 17.53 27.02
C LEU A 153 3.86 17.03 28.06
N ASP A 154 5.14 17.28 27.81
CA ASP A 154 6.27 17.06 28.75
C ASP A 154 6.46 15.55 29.00
N HIS A 155 6.12 14.70 28.02
CA HIS A 155 6.51 13.26 28.00
C HIS A 155 8.05 13.14 27.99
N MET A 156 8.61 12.21 28.77
CA MET A 156 10.08 12.05 28.95
C MET A 156 10.56 10.71 28.34
N GLY A 157 9.67 9.97 27.66
CA GLY A 157 9.96 8.71 26.94
C GLY A 157 9.93 7.50 27.86
N LEU A 158 9.24 7.64 28.99
CA LEU A 158 9.04 6.61 30.04
C LEU A 158 7.53 6.48 30.28
N ASN A 159 7.02 5.26 30.40
CA ASN A 159 5.56 4.99 30.56
C ASN A 159 5.14 5.01 32.04
N ASN A 160 3.84 4.92 32.30
CA ASN A 160 3.29 5.04 33.68
C ASN A 160 3.95 4.00 34.60
N SER A 161 4.12 2.78 34.08
CA SER A 161 4.73 1.63 34.81
C SER A 161 6.15 1.98 35.32
N PHE A 162 6.99 2.64 34.54
CA PHE A 162 8.34 3.04 34.97
C PHE A 162 8.28 3.86 36.29
N TYR A 163 7.43 4.87 36.37
CA TYR A 163 7.34 5.78 37.55
C TYR A 163 6.89 4.98 38.79
N LEU A 164 5.93 4.06 38.64
CA LEU A 164 5.38 3.26 39.77
C LEU A 164 6.41 2.22 40.24
N LYS A 165 7.03 1.45 39.34
CA LYS A 165 8.00 0.38 39.69
C LYS A 165 9.24 0.97 40.35
N THR A 166 9.69 2.16 39.94
CA THR A 166 10.92 2.79 40.49
C THR A 166 10.61 3.65 41.74
N GLU A 167 9.33 3.80 42.14
CA GLU A 167 8.92 4.72 43.22
C GLU A 167 9.57 6.10 42.99
N SER A 168 9.51 6.61 41.76
CA SER A 168 9.95 7.99 41.44
C SER A 168 8.98 8.95 42.15
N PRO A 169 9.37 10.20 42.44
CA PRO A 169 8.45 11.15 43.11
C PRO A 169 7.07 11.32 42.46
N LEU A 170 6.99 11.37 41.14
CA LEU A 170 5.69 11.47 40.42
C LEU A 170 4.87 10.20 40.67
N GLY A 171 5.52 9.03 40.69
CA GLY A 171 4.87 7.73 41.00
C GLY A 171 4.26 7.74 42.40
N ILE A 172 5.01 8.25 43.38
CA ILE A 172 4.57 8.29 44.79
C ILE A 172 3.35 9.22 44.88
N LEU A 173 3.41 10.40 44.27
CA LEU A 173 2.30 11.39 44.27
C LEU A 173 1.04 10.74 43.68
N SER A 174 1.15 10.04 42.54
CA SER A 174 0.00 9.37 41.87
C SER A 174 -0.61 8.32 42.80
N SER A 175 0.22 7.47 43.38
CA SER A 175 -0.21 6.42 44.33
C SER A 175 -0.89 7.07 45.55
N ALA A 176 -0.24 8.04 46.18
CA ALA A 176 -0.81 8.71 47.38
C ALA A 176 -2.12 9.41 47.03
N SER A 177 -2.20 9.92 45.79
CA SER A 177 -3.32 10.72 45.26
C SER A 177 -4.50 9.83 44.87
N GLY A 178 -4.25 8.59 44.50
CA GLY A 178 -5.34 7.68 44.11
C GLY A 178 -5.59 7.62 42.61
N ASN A 179 -4.73 8.24 41.80
CA ASN A 179 -4.89 8.14 40.33
C ASN A 179 -3.59 7.61 39.71
N THR A 180 -3.66 6.39 39.17
CA THR A 180 -2.54 5.65 38.53
C THR A 180 -2.29 6.15 37.10
N SER A 181 -3.08 7.07 36.54
CA SER A 181 -2.75 7.66 35.21
C SER A 181 -1.67 8.73 35.38
N VAL A 182 -0.45 8.33 35.69
CA VAL A 182 0.69 9.23 36.09
C VAL A 182 0.86 10.33 35.03
N LEU A 183 1.12 9.96 33.80
CA LEU A 183 1.48 10.95 32.76
C LEU A 183 0.24 11.75 32.32
N GLU A 184 -0.91 11.11 32.21
CA GLU A 184 -2.14 11.75 31.64
C GLU A 184 -2.58 12.88 32.55
N VAL A 185 -2.49 12.73 33.87
CA VAL A 185 -2.84 13.85 34.80
C VAL A 185 -1.82 14.99 34.63
N HIS A 186 -0.54 14.67 34.48
CA HIS A 186 0.55 15.65 34.25
C HIS A 186 0.28 16.43 32.96
N HIS A 187 -0.08 15.74 31.86
CA HIS A 187 -0.37 16.43 30.57
C HIS A 187 -1.52 17.43 30.80
N CYS A 188 -2.59 17.02 31.48
CA CYS A 188 -3.80 17.87 31.73
C CYS A 188 -3.38 19.12 32.51
N ASN A 189 -2.50 18.96 33.50
CA ASN A 189 -2.00 20.07 34.33
C ASN A 189 -1.32 21.12 33.47
N LEU A 190 -0.47 20.71 32.52
CA LEU A 190 0.27 21.68 31.70
C LEU A 190 -0.69 22.31 30.67
N ALA A 191 -1.74 21.60 30.23
CA ALA A 191 -2.72 22.16 29.27
C ALA A 191 -3.48 23.31 29.95
N VAL A 192 -3.91 23.11 31.18
CA VAL A 192 -4.68 24.13 31.97
C VAL A 192 -3.79 25.38 32.15
N GLU A 193 -2.50 25.18 32.45
CA GLU A 193 -1.48 26.26 32.57
C GLU A 193 -1.44 27.08 31.28
N ILE A 194 -1.29 26.47 30.10
CA ILE A 194 -1.21 27.21 28.81
C ILE A 194 -2.49 28.06 28.62
N LEU A 195 -3.65 27.49 28.94
CA LEU A 195 -4.96 28.11 28.64
C LEU A 195 -5.33 29.19 29.68
N SER A 196 -4.57 29.32 30.77
CA SER A 196 -4.86 30.30 31.85
C SER A 196 -4.41 31.72 31.44
N ASP A 197 -3.55 31.83 30.42
CA ASP A 197 -3.17 33.11 29.78
C ASP A 197 -4.06 33.39 28.56
N PRO A 198 -4.86 34.50 28.56
CA PRO A 198 -5.69 34.87 27.40
C PRO A 198 -4.98 34.87 26.04
N GLU A 199 -3.68 35.21 26.01
CA GLU A 199 -2.90 35.32 24.74
C GLU A 199 -2.69 33.95 24.06
N SER A 200 -2.86 32.85 24.82
CA SER A 200 -2.74 31.45 24.30
C SER A 200 -3.98 30.61 24.64
N ASP A 201 -5.10 31.24 25.04
CA ASP A 201 -6.36 30.53 25.34
C ASP A 201 -7.23 30.44 24.08
N VAL A 202 -7.17 29.34 23.32
CA VAL A 202 -8.02 29.11 22.11
C VAL A 202 -9.51 29.00 22.50
N PHE A 203 -9.83 28.94 23.80
CA PHE A 203 -11.23 28.85 24.32
C PHE A 203 -11.69 30.19 24.93
N ASP A 204 -10.92 31.26 24.82
CA ASP A 204 -11.22 32.57 25.48
C ASP A 204 -12.48 33.18 24.86
N GLY A 205 -12.88 32.76 23.66
CA GLY A 205 -14.12 33.20 23.01
C GLY A 205 -15.38 32.58 23.58
N LEU A 206 -15.26 31.61 24.49
CA LEU A 206 -16.42 30.85 25.06
C LEU A 206 -16.71 31.36 26.48
N GLU A 207 -17.94 31.13 26.96
CA GLU A 207 -18.36 31.44 28.35
C GLU A 207 -19.36 30.38 28.80
N GLY A 208 -19.63 30.34 30.10
CA GLY A 208 -20.66 29.48 30.71
C GLY A 208 -20.48 28.02 30.29
N ALA A 209 -21.55 27.39 29.88
CA ALA A 209 -21.62 25.92 29.65
C ALA A 209 -20.69 25.52 28.49
N GLU A 210 -20.54 26.34 27.45
CA GLU A 210 -19.66 26.01 26.30
C GLU A 210 -18.21 25.97 26.78
N ARG A 211 -17.77 26.92 27.60
CA ARG A 211 -16.37 26.95 28.10
C ARG A 211 -16.15 25.71 28.99
N THR A 212 -17.07 25.41 29.91
CA THR A 212 -16.97 24.22 30.78
C THR A 212 -16.86 22.94 29.91
N LEU A 213 -17.70 22.78 28.89
CA LEU A 213 -17.72 21.57 28.02
C LEU A 213 -16.36 21.44 27.33
N ALA A 214 -15.79 22.55 26.84
CA ALA A 214 -14.48 22.54 26.14
C ALA A 214 -13.40 21.99 27.09
N PHE A 215 -13.32 22.52 28.32
CA PHE A 215 -12.28 22.05 29.28
C PHE A 215 -12.56 20.62 29.73
N ARG A 216 -13.79 20.30 30.11
CA ARG A 216 -14.12 18.93 30.59
C ARG A 216 -13.87 17.89 29.50
N SER A 217 -14.30 18.15 28.27
CA SER A 217 -14.15 17.17 27.16
C SER A 217 -12.67 16.98 26.83
N MET A 218 -11.90 18.06 26.77
CA MET A 218 -10.43 17.98 26.55
C MET A 218 -9.80 17.09 27.63
N ILE A 219 -10.09 17.35 28.90
CA ILE A 219 -9.52 16.57 30.04
C ILE A 219 -9.96 15.09 29.95
N ASP A 220 -11.24 14.83 29.76
CA ASP A 220 -11.77 13.44 29.65
C ASP A 220 -11.03 12.70 28.52
N CYS A 221 -10.84 13.34 27.37
CA CYS A 221 -10.15 12.72 26.22
C CYS A 221 -8.71 12.35 26.58
N VAL A 222 -7.96 13.26 27.18
CA VAL A 222 -6.53 13.00 27.55
C VAL A 222 -6.46 11.87 28.58
N LEU A 223 -7.35 11.87 29.57
CA LEU A 223 -7.35 10.81 30.60
C LEU A 223 -7.64 9.43 29.95
N ALA A 224 -8.47 9.38 28.92
CA ALA A 224 -8.84 8.13 28.21
C ALA A 224 -7.72 7.54 27.35
N THR A 225 -6.63 8.26 27.10
CA THR A 225 -5.48 7.73 26.30
C THR A 225 -4.60 6.76 27.13
N ASP A 226 -4.83 6.61 28.45
CA ASP A 226 -4.11 5.62 29.30
C ASP A 226 -4.48 4.20 28.82
N MET A 227 -3.51 3.48 28.26
CA MET A 227 -3.76 2.19 27.59
C MET A 227 -4.20 1.12 28.59
N ALA A 228 -4.01 1.31 29.91
CA ALA A 228 -4.53 0.38 30.94
C ALA A 228 -6.08 0.41 30.94
N LYS A 229 -6.69 1.45 30.39
CA LYS A 229 -8.17 1.60 30.30
C LYS A 229 -8.66 1.30 28.87
N HIS A 230 -7.79 0.78 28.00
CA HIS A 230 -8.15 0.52 26.58
C HIS A 230 -9.43 -0.32 26.42
N GLY A 231 -9.45 -1.51 27.02
CA GLY A 231 -10.55 -2.48 26.89
C GLY A 231 -11.86 -1.90 27.38
N SER A 232 -11.87 -1.23 28.54
CA SER A 232 -13.13 -0.74 29.16
C SER A 232 -13.69 0.46 28.39
N ALA A 233 -12.83 1.36 27.88
CA ALA A 233 -13.24 2.52 27.04
C ALA A 233 -13.85 2.02 25.71
N LEU A 234 -13.26 1.02 25.06
CA LEU A 234 -13.80 0.43 23.81
C LEU A 234 -15.18 -0.20 24.07
N GLU A 235 -15.33 -0.96 25.14
CA GLU A 235 -16.58 -1.72 25.47
C GLU A 235 -17.72 -0.73 25.78
N ALA A 236 -17.41 0.33 26.53
CA ALA A 236 -18.38 1.41 26.85
C ALA A 236 -18.85 2.10 25.56
N PHE A 237 -17.95 2.47 24.64
CA PHE A 237 -18.31 3.11 23.35
C PHE A 237 -19.18 2.15 22.53
N LEU A 238 -18.81 0.87 22.43
CA LEU A 238 -19.56 -0.13 21.62
C LEU A 238 -20.99 -0.30 22.18
N ALA A 239 -21.15 -0.33 23.49
CA ALA A 239 -22.47 -0.50 24.15
C ALA A 239 -23.34 0.77 23.98
N SER A 240 -22.75 1.97 24.02
CA SER A 240 -23.49 3.22 23.75
C SER A 240 -23.93 3.23 22.26
N ALA A 241 -23.07 2.87 21.30
CA ALA A 241 -23.41 2.89 19.87
C ALA A 241 -24.53 1.91 19.56
N ALA A 242 -24.56 0.74 20.23
CA ALA A 242 -25.58 -0.29 19.95
C ALA A 242 -26.95 0.15 20.50
N ASP A 243 -27.01 1.16 21.36
CA ASP A 243 -28.24 1.50 22.16
C ASP A 243 -28.85 2.77 21.59
N GLN A 244 -29.99 2.65 20.89
CA GLN A 244 -30.67 3.85 20.30
C GLN A 244 -31.18 4.78 21.40
N SER A 245 -31.31 4.32 22.65
CA SER A 245 -31.74 5.18 23.79
C SER A 245 -30.57 5.60 24.69
N SER A 246 -29.34 5.50 24.21
CA SER A 246 -28.16 6.04 24.96
C SER A 246 -28.34 7.53 25.22
N ASP A 247 -27.88 8.01 26.37
CA ASP A 247 -27.83 9.46 26.67
C ASP A 247 -26.99 10.14 25.56
N GLU A 248 -27.50 11.21 24.97
CA GLU A 248 -26.84 11.89 23.82
C GLU A 248 -25.49 12.49 24.24
N ALA A 249 -25.47 13.31 25.29
CA ALA A 249 -24.24 13.91 25.85
C ALA A 249 -23.16 12.85 26.10
N ALA A 250 -23.52 11.72 26.72
CA ALA A 250 -22.61 10.57 26.97
C ALA A 250 -22.06 9.97 25.65
N PHE A 251 -22.92 9.78 24.65
CA PHE A 251 -22.46 9.23 23.34
C PHE A 251 -21.46 10.19 22.71
N HIS A 252 -21.76 11.48 22.74
CA HIS A 252 -20.84 12.50 22.18
C HIS A 252 -19.47 12.41 22.86
N ARG A 253 -19.44 12.40 24.19
CA ARG A 253 -18.17 12.34 24.95
C ARG A 253 -17.39 11.06 24.61
N MET A 254 -18.06 9.92 24.58
CA MET A 254 -17.38 8.63 24.27
C MET A 254 -16.83 8.62 22.84
N THR A 255 -17.57 9.18 21.88
CA THR A 255 -17.11 9.30 20.48
C THR A 255 -15.80 10.13 20.45
N MET A 256 -15.75 11.27 21.17
CA MET A 256 -14.52 12.10 21.26
C MET A 256 -13.37 11.25 21.85
N GLU A 257 -13.60 10.54 22.95
CA GLU A 257 -12.55 9.74 23.62
C GLU A 257 -12.01 8.67 22.64
N ILE A 258 -12.91 8.02 21.89
CA ILE A 258 -12.54 6.90 20.97
C ILE A 258 -11.77 7.47 19.76
N ILE A 259 -12.08 8.69 19.31
CA ILE A 259 -11.36 9.33 18.15
C ILE A 259 -9.95 9.74 18.58
N LEU A 260 -9.75 10.35 19.76
CA LEU A 260 -8.38 10.63 20.25
C LEU A 260 -7.61 9.31 20.44
N LYS A 261 -8.23 8.26 21.01
CA LYS A 261 -7.55 6.94 21.15
C LYS A 261 -7.17 6.41 19.75
N ALA A 262 -8.08 6.49 18.76
CA ALA A 262 -7.84 6.00 17.39
C ALA A 262 -6.63 6.73 16.79
N GLY A 263 -6.57 8.06 16.92
CA GLY A 263 -5.41 8.83 16.42
C GLY A 263 -4.13 8.35 17.09
N ASP A 264 -4.19 8.11 18.39
CA ASP A 264 -3.01 7.70 19.18
C ASP A 264 -2.46 6.33 18.74
N ILE A 265 -3.29 5.39 18.26
CA ILE A 265 -2.81 4.05 17.77
C ILE A 265 -3.03 3.92 16.24
N SER A 266 -2.91 5.01 15.50
CA SER A 266 -3.17 5.11 14.04
C SER A 266 -1.93 4.77 13.20
N ASN A 267 -0.76 4.50 13.80
CA ASN A 267 0.51 4.37 13.04
C ASN A 267 0.37 3.21 12.02
N VAL A 268 -0.35 2.13 12.39
CA VAL A 268 -0.51 0.91 11.55
C VAL A 268 -1.58 1.13 10.47
N THR A 269 -2.28 2.27 10.46
CA THR A 269 -3.30 2.57 9.42
C THR A 269 -2.70 3.38 8.27
N LYS A 270 -1.40 3.70 8.32
CA LYS A 270 -0.73 4.56 7.30
C LYS A 270 -0.04 3.68 6.25
N PRO A 271 0.46 4.24 5.02
CA PRO A 271 1.40 3.67 3.74
C PRO A 271 2.47 2.97 4.59
N PHE A 272 2.72 1.70 4.28
CA PHE A 272 3.72 0.83 4.95
C PHE A 272 5.01 1.57 5.37
N ASP A 273 5.64 2.33 4.47
CA ASP A 273 6.90 3.03 4.83
C ASP A 273 6.71 4.02 5.98
N ILE A 274 5.62 4.80 5.98
CA ILE A 274 5.32 5.73 7.12
C ILE A 274 5.16 4.90 8.40
N SER A 275 4.39 3.80 8.33
CA SER A 275 4.11 2.87 9.45
C SER A 275 5.43 2.33 10.05
N ARG A 276 6.33 1.92 9.17
CA ARG A 276 7.64 1.35 9.60
C ARG A 276 8.49 2.41 10.31
N GLN A 277 8.54 3.62 9.78
CA GLN A 277 9.36 4.68 10.45
C GLN A 277 8.81 4.94 11.87
N TRP A 278 7.48 4.96 12.07
CA TRP A 278 6.89 5.14 13.42
C TRP A 278 7.35 3.96 14.31
N ALA A 279 7.30 2.74 13.80
CA ALA A 279 7.67 1.51 14.56
C ALA A 279 9.14 1.59 14.99
N MET A 280 10.04 2.08 14.15
CA MET A 280 11.48 2.25 14.50
C MET A 280 11.62 3.24 15.65
N ALA A 281 10.91 4.36 15.57
CA ALA A 281 10.95 5.44 16.59
C ALA A 281 10.42 4.93 17.93
N VAL A 282 9.31 4.20 17.97
CA VAL A 282 8.73 3.73 19.26
C VAL A 282 9.63 2.63 19.88
N THR A 283 10.23 1.76 19.05
CA THR A 283 11.13 0.66 19.50
C THR A 283 12.35 1.27 20.22
N GLU A 284 12.96 2.30 19.64
CA GLU A 284 14.15 2.96 20.23
C GLU A 284 13.76 3.56 21.60
N GLU A 285 12.58 4.21 21.69
CA GLU A 285 12.12 4.79 22.98
C GLU A 285 11.93 3.68 24.01
N PHE A 286 11.29 2.58 23.64
CA PHE A 286 11.09 1.41 24.54
C PHE A 286 12.47 0.90 25.01
N TYR A 287 13.45 0.79 24.09
CA TYR A 287 14.75 0.18 24.42
C TYR A 287 15.48 1.08 25.43
N ARG A 288 15.40 2.40 25.26
CA ARG A 288 16.03 3.37 26.20
C ARG A 288 15.37 3.24 27.58
N GLN A 289 14.04 2.99 27.65
CA GLN A 289 13.36 2.77 28.95
C GLN A 289 14.00 1.52 29.59
N GLY A 290 14.07 0.41 28.85
CA GLY A 290 14.66 -0.86 29.34
C GLY A 290 16.09 -0.69 29.84
N ASP A 291 16.91 0.11 29.15
CA ASP A 291 18.31 0.43 29.56
C ASP A 291 18.29 1.05 30.96
N MET A 292 17.44 2.05 31.19
CA MET A 292 17.31 2.74 32.50
C MET A 292 16.71 1.78 33.55
N GLU A 293 15.80 0.87 33.20
CA GLU A 293 15.24 -0.09 34.18
C GLU A 293 16.35 -1.06 34.63
N LYS A 294 17.27 -1.46 33.73
CA LYS A 294 18.41 -2.34 34.07
C LYS A 294 19.27 -1.62 35.13
N GLU A 295 19.65 -0.37 34.85
CA GLU A 295 20.44 0.48 35.78
C GLU A 295 19.74 0.57 37.15
N ARG A 296 18.42 0.74 37.20
CA ARG A 296 17.64 0.83 38.47
C ARG A 296 17.45 -0.56 39.12
N GLY A 297 17.79 -1.66 38.43
CA GLY A 297 17.51 -3.03 38.91
C GLY A 297 16.02 -3.33 39.07
N VAL A 298 15.14 -2.89 38.16
CA VAL A 298 13.69 -3.28 38.20
C VAL A 298 13.40 -4.16 36.98
N GLU A 299 12.26 -4.83 36.97
CA GLU A 299 11.81 -5.76 35.90
C GLU A 299 11.83 -5.06 34.53
N VAL A 300 12.41 -5.71 33.52
CA VAL A 300 12.41 -5.25 32.10
C VAL A 300 11.55 -6.22 31.30
N LEU A 301 10.46 -5.76 30.68
CA LEU A 301 9.61 -6.63 29.83
C LEU A 301 10.40 -6.95 28.56
N PRO A 302 10.15 -8.13 27.93
CA PRO A 302 10.88 -8.51 26.71
C PRO A 302 10.92 -7.43 25.59
N MET A 303 9.80 -6.76 25.28
CA MET A 303 9.76 -5.79 24.16
C MET A 303 10.49 -4.49 24.55
N PHE A 304 10.97 -4.35 25.79
CA PHE A 304 11.74 -3.15 26.22
C PHE A 304 13.24 -3.48 26.31
N ASP A 305 13.62 -4.74 26.03
CA ASP A 305 14.99 -5.27 26.28
C ASP A 305 15.76 -5.39 24.95
N ARG A 306 16.78 -4.57 24.74
CA ARG A 306 17.67 -4.64 23.54
C ARG A 306 18.25 -6.05 23.30
N SER A 307 18.56 -6.77 24.39
CA SER A 307 19.27 -8.08 24.37
C SER A 307 18.41 -9.19 23.74
N LYS A 308 17.08 -9.07 23.74
CA LYS A 308 16.18 -10.07 23.11
C LYS A 308 16.22 -9.89 21.59
N ASN A 309 16.56 -8.69 21.10
CA ASN A 309 16.83 -8.39 19.67
C ASN A 309 15.58 -8.73 18.82
N MET A 310 14.37 -8.55 19.39
CA MET A 310 13.10 -9.06 18.83
C MET A 310 12.84 -8.42 17.46
N GLU A 311 12.33 -9.18 16.47
CA GLU A 311 12.19 -8.70 15.06
C GLU A 311 11.04 -7.69 14.96
N LEU A 312 11.27 -6.60 14.24
CA LEU A 312 10.28 -5.55 13.96
C LEU A 312 9.00 -6.18 13.39
N ALA A 313 9.11 -7.08 12.39
CA ALA A 313 7.95 -7.71 11.70
C ALA A 313 7.04 -8.43 12.70
N LYS A 314 7.60 -9.28 13.55
CA LYS A 314 6.78 -10.12 14.48
C LYS A 314 6.06 -9.18 15.46
N GLY A 315 6.70 -8.10 15.89
CA GLY A 315 6.15 -7.10 16.83
C GLY A 315 5.00 -6.31 16.21
N GLN A 316 5.12 -5.88 14.95
CA GLN A 316 4.02 -5.20 14.22
C GLN A 316 2.85 -6.15 14.01
N ILE A 317 3.10 -7.41 13.62
CA ILE A 317 2.01 -8.41 13.43
C ILE A 317 1.28 -8.62 14.77
N GLY A 318 2.01 -8.71 15.88
CA GLY A 318 1.39 -8.91 17.20
C GLY A 318 0.54 -7.72 17.59
N PHE A 319 1.04 -6.50 17.41
CA PHE A 319 0.30 -5.26 17.72
C PHE A 319 -0.98 -5.19 16.87
N ILE A 320 -0.85 -5.48 15.57
CA ILE A 320 -2.03 -5.56 14.64
C ILE A 320 -3.03 -6.60 15.14
N ASP A 321 -2.62 -7.82 15.47
CA ASP A 321 -3.55 -8.93 15.76
C ASP A 321 -4.28 -8.69 17.11
N PHE A 322 -3.57 -8.25 18.13
CA PHE A 322 -4.15 -8.18 19.49
C PHE A 322 -4.66 -6.79 19.89
N VAL A 323 -4.18 -5.73 19.26
CA VAL A 323 -4.58 -4.34 19.62
C VAL A 323 -5.33 -3.64 18.47
N ALA A 324 -4.66 -3.31 17.36
CA ALA A 324 -5.18 -2.33 16.36
C ALA A 324 -6.25 -2.91 15.43
N ALA A 325 -6.14 -4.16 14.93
CA ALA A 325 -7.13 -4.68 13.95
C ALA A 325 -8.50 -4.81 14.64
N PRO A 326 -8.61 -5.44 15.83
CA PRO A 326 -9.92 -5.55 16.49
C PRO A 326 -10.50 -4.17 16.87
N PHE A 327 -9.67 -3.22 17.29
CA PHE A 327 -10.14 -1.87 17.68
C PHE A 327 -10.80 -1.19 16.48
N PHE A 328 -10.09 -1.08 15.37
CA PHE A 328 -10.62 -0.37 14.17
C PHE A 328 -11.81 -1.08 13.56
N GLN A 329 -11.77 -2.41 13.54
CA GLN A 329 -12.85 -3.20 12.92
C GLN A 329 -14.14 -3.03 13.73
N LYS A 330 -14.03 -3.07 15.06
CA LYS A 330 -15.21 -2.95 15.95
C LYS A 330 -15.86 -1.56 15.88
N ILE A 331 -15.07 -0.49 15.86
CA ILE A 331 -15.65 0.89 15.86
C ILE A 331 -16.23 1.16 14.47
N VAL A 332 -15.58 0.69 13.40
CA VAL A 332 -16.14 0.85 12.02
C VAL A 332 -17.49 0.13 11.94
N ASP A 333 -17.56 -1.14 12.35
CA ASP A 333 -18.80 -1.96 12.23
C ASP A 333 -19.91 -1.37 13.11
N ALA A 334 -19.58 -0.90 14.31
CA ALA A 334 -20.57 -0.40 15.31
C ALA A 334 -21.22 0.89 14.83
N CYS A 335 -20.52 1.75 14.08
CA CYS A 335 -20.89 3.18 13.99
C CYS A 335 -20.10 3.97 12.93
N LEU A 336 -18.78 3.80 12.83
CA LEU A 336 -17.93 4.74 12.06
C LEU A 336 -17.59 4.13 10.68
N GLN A 337 -18.61 3.94 9.85
CA GLN A 337 -18.52 3.26 8.51
C GLN A 337 -17.56 3.99 7.57
N GLY A 338 -17.54 5.31 7.64
CA GLY A 338 -16.66 6.12 6.78
C GLY A 338 -15.18 5.85 7.00
N MET A 339 -14.78 5.25 8.13
CA MET A 339 -13.35 4.97 8.44
C MET A 339 -12.94 3.55 7.97
N GLN A 340 -13.66 2.92 7.04
CA GLN A 340 -13.37 1.56 6.52
C GLN A 340 -11.93 1.49 5.99
N TRP A 341 -11.39 2.56 5.38
CA TRP A 341 -10.01 2.54 4.82
C TRP A 341 -9.00 2.13 5.91
N THR A 342 -9.26 2.41 7.20
CA THR A 342 -8.25 2.10 8.26
C THR A 342 -8.09 0.59 8.35
N VAL A 343 -9.20 -0.15 8.33
CA VAL A 343 -9.24 -1.64 8.39
C VAL A 343 -8.53 -2.20 7.14
N ASP A 344 -8.80 -1.65 5.95
CA ASP A 344 -8.19 -2.10 4.67
C ASP A 344 -6.67 -1.96 4.75
N ARG A 345 -6.18 -0.82 5.22
CA ARG A 345 -4.72 -0.53 5.27
C ARG A 345 -4.02 -1.39 6.35
N ILE A 346 -4.66 -1.66 7.49
CA ILE A 346 -4.08 -2.59 8.51
C ILE A 346 -3.93 -3.98 7.85
N LYS A 347 -4.88 -4.35 7.01
CA LYS A 347 -4.89 -5.67 6.32
C LYS A 347 -3.70 -5.77 5.37
N SER A 348 -3.49 -4.74 4.54
CA SER A 348 -2.37 -4.72 3.55
C SER A 348 -1.04 -4.62 4.29
N ASN A 349 -0.96 -3.90 5.42
CA ASN A 349 0.29 -3.79 6.21
C ASN A 349 0.63 -5.16 6.85
N ARG A 350 -0.35 -5.85 7.44
CA ARG A 350 -0.12 -7.21 7.98
C ARG A 350 0.46 -8.13 6.88
N ALA A 351 -0.16 -8.13 5.69
CA ALA A 351 0.28 -8.99 4.56
C ALA A 351 1.71 -8.66 4.17
N GLN A 352 2.07 -7.39 4.17
CA GLN A 352 3.45 -6.96 3.82
C GLN A 352 4.45 -7.45 4.87
N TRP A 353 4.11 -7.39 6.16
CA TRP A 353 5.04 -7.89 7.20
C TRP A 353 5.19 -9.40 7.04
N GLU A 354 4.11 -10.08 6.63
CA GLU A 354 4.14 -11.56 6.36
C GLU A 354 5.12 -11.87 5.20
N ARG A 355 5.21 -11.01 4.18
CA ARG A 355 6.17 -11.14 3.04
C ARG A 355 7.60 -10.90 3.51
N VAL A 356 7.80 -10.01 4.47
CA VAL A 356 9.15 -9.80 5.09
C VAL A 356 9.59 -11.11 5.76
N LEU A 357 8.70 -11.80 6.46
CA LEU A 357 9.04 -13.09 7.13
C LEU A 357 9.25 -14.17 6.07
N GLU A 358 8.36 -14.27 5.08
CA GLU A 358 8.35 -15.36 4.06
C GLU A 358 9.69 -15.33 3.31
N THR A 359 10.26 -14.14 3.08
CA THR A 359 11.50 -13.97 2.27
C THR A 359 12.77 -13.93 3.14
N ARG A 360 12.66 -14.01 4.46
CA ARG A 360 13.89 -13.88 5.31
C ARG A 360 14.73 -15.17 5.24
N VAL B 28 -3.64 -29.17 -6.25
CA VAL B 28 -4.05 -30.45 -5.57
C VAL B 28 -5.53 -30.35 -5.15
N THR B 29 -5.99 -29.18 -4.69
CA THR B 29 -7.40 -28.96 -4.25
C THR B 29 -8.31 -28.69 -5.46
N ALA B 30 -9.28 -29.56 -5.73
CA ALA B 30 -10.06 -29.58 -6.99
C ALA B 30 -11.02 -28.38 -7.03
N ILE B 31 -11.27 -27.87 -8.23
CA ILE B 31 -12.22 -26.74 -8.49
C ILE B 31 -13.65 -27.29 -8.31
N THR B 32 -14.51 -26.55 -7.60
CA THR B 32 -15.93 -26.94 -7.31
C THR B 32 -16.87 -26.40 -8.40
N LYS B 33 -18.05 -27.00 -8.54
CA LYS B 33 -19.11 -26.58 -9.49
C LYS B 33 -19.52 -25.13 -9.20
N VAL B 34 -19.56 -24.73 -7.93
CA VAL B 34 -19.97 -23.36 -7.48
C VAL B 34 -18.95 -22.34 -8.02
N GLU B 35 -17.65 -22.65 -7.95
CA GLU B 35 -16.54 -21.80 -8.47
C GLU B 35 -16.71 -21.64 -9.99
N ARG B 36 -16.99 -22.72 -10.71
CA ARG B 36 -17.23 -22.66 -12.18
C ARG B 36 -18.46 -21.80 -12.49
N GLU B 37 -19.56 -21.97 -11.74
CA GLU B 37 -20.85 -21.26 -12.03
C GLU B 37 -20.67 -19.75 -11.88
N ALA B 38 -19.89 -19.31 -10.89
CA ALA B 38 -19.61 -17.88 -10.62
C ALA B 38 -18.95 -17.22 -11.84
N VAL B 39 -18.13 -17.96 -12.61
CA VAL B 39 -17.52 -17.44 -13.88
C VAL B 39 -18.56 -17.49 -15.00
N LEU B 40 -19.25 -18.63 -15.19
CA LEU B 40 -20.16 -18.87 -16.35
C LEU B 40 -21.29 -17.82 -16.39
N VAL B 41 -21.73 -17.32 -15.24
CA VAL B 41 -22.84 -16.33 -15.11
C VAL B 41 -22.43 -14.96 -15.71
N CYS B 42 -21.13 -14.62 -15.80
CA CYS B 42 -20.66 -13.29 -16.29
C CYS B 42 -20.77 -13.23 -17.82
N GLU B 43 -21.57 -12.30 -18.36
CA GLU B 43 -21.90 -12.25 -19.82
C GLU B 43 -21.16 -11.10 -20.54
N LEU B 44 -20.47 -10.22 -19.83
CA LEU B 44 -19.61 -9.17 -20.46
C LEU B 44 -20.38 -8.40 -21.54
N PRO B 45 -21.57 -7.83 -21.21
CA PRO B 45 -22.33 -7.04 -22.19
C PRO B 45 -21.58 -5.71 -22.45
N SER B 46 -21.50 -5.33 -23.73
CA SER B 46 -20.83 -4.13 -24.30
C SER B 46 -19.31 -4.28 -24.39
N PHE B 47 -18.75 -5.48 -24.26
CA PHE B 47 -17.28 -5.60 -24.39
C PHE B 47 -16.93 -6.50 -25.57
N ASP B 48 -15.90 -6.12 -26.33
CA ASP B 48 -15.37 -7.00 -27.41
C ASP B 48 -13.95 -7.39 -26.99
N VAL B 49 -13.79 -8.60 -26.46
CA VAL B 49 -12.49 -9.10 -25.91
C VAL B 49 -11.48 -9.31 -27.06
N THR B 50 -11.88 -9.27 -28.34
CA THR B 50 -10.93 -9.45 -29.47
C THR B 50 -10.35 -8.11 -29.96
N ASP B 51 -10.82 -6.96 -29.44
CA ASP B 51 -10.52 -5.63 -29.98
C ASP B 51 -9.23 -5.06 -29.36
N VAL B 52 -8.40 -4.36 -30.15
CA VAL B 52 -7.15 -3.72 -29.65
C VAL B 52 -7.45 -2.58 -28.65
N GLU B 53 -8.67 -2.05 -28.61
CA GLU B 53 -9.06 -0.93 -27.70
C GLU B 53 -9.83 -1.42 -26.47
N PHE B 54 -9.93 -2.74 -26.31
CA PHE B 54 -10.58 -3.36 -25.13
C PHE B 54 -9.97 -2.80 -23.84
N ASP B 55 -10.82 -2.52 -22.85
CA ASP B 55 -10.44 -1.83 -21.59
C ASP B 55 -10.69 -2.77 -20.41
N LEU B 56 -9.66 -3.48 -19.92
CA LEU B 56 -9.73 -4.40 -18.74
C LEU B 56 -10.06 -3.61 -17.45
N PHE B 57 -9.54 -2.40 -17.28
CA PHE B 57 -9.88 -1.54 -16.10
C PHE B 57 -11.39 -1.27 -16.07
N ARG B 58 -11.99 -0.91 -17.20
CA ARG B 58 -13.46 -0.70 -17.28
C ARG B 58 -14.20 -2.02 -17.01
N ALA B 59 -13.74 -3.15 -17.55
CA ALA B 59 -14.34 -4.47 -17.25
C ALA B 59 -14.25 -4.78 -15.74
N ARG B 60 -13.14 -4.46 -15.07
CA ARG B 60 -12.99 -4.70 -13.61
C ARG B 60 -14.00 -3.84 -12.81
N GLU B 61 -14.20 -2.58 -13.17
CA GLU B 61 -15.07 -1.60 -12.47
C GLU B 61 -16.56 -1.89 -12.75
N SER B 62 -16.89 -2.73 -13.73
CA SER B 62 -18.28 -2.95 -14.21
C SER B 62 -19.06 -3.86 -13.25
N THR B 63 -18.42 -4.43 -12.24
CA THR B 63 -18.97 -5.54 -11.42
C THR B 63 -18.31 -5.48 -10.05
N ASP B 64 -18.94 -6.06 -9.02
CA ASP B 64 -18.39 -6.15 -7.66
C ASP B 64 -17.52 -7.43 -7.53
N LYS B 65 -17.51 -8.30 -8.56
CA LYS B 65 -16.66 -9.53 -8.67
C LYS B 65 -15.66 -9.42 -9.83
N PRO B 66 -14.68 -8.51 -9.77
CA PRO B 66 -13.71 -8.38 -10.87
C PRO B 66 -12.89 -9.65 -11.17
N LEU B 67 -12.60 -10.49 -10.17
CA LEU B 67 -11.88 -11.78 -10.35
C LEU B 67 -12.69 -12.73 -11.24
N ASP B 68 -14.02 -12.73 -11.13
CA ASP B 68 -14.89 -13.64 -11.94
C ASP B 68 -14.96 -13.11 -13.37
N VAL B 69 -15.06 -11.79 -13.53
CA VAL B 69 -15.09 -11.12 -14.87
C VAL B 69 -13.77 -11.42 -15.60
N ALA B 70 -12.63 -11.28 -14.92
CA ALA B 70 -11.29 -11.54 -15.50
C ALA B 70 -11.19 -12.99 -15.98
N ALA B 71 -11.65 -13.94 -15.16
CA ALA B 71 -11.69 -15.38 -15.51
C ALA B 71 -12.59 -15.62 -16.75
N ALA B 72 -13.73 -14.91 -16.84
CA ALA B 72 -14.66 -15.02 -17.98
C ALA B 72 -14.02 -14.46 -19.26
N ILE B 73 -13.26 -13.37 -19.16
CA ILE B 73 -12.51 -12.81 -20.34
C ILE B 73 -11.54 -13.87 -20.89
N ALA B 74 -10.73 -14.51 -20.04
CA ALA B 74 -9.76 -15.57 -20.44
C ALA B 74 -10.48 -16.75 -21.10
N TYR B 75 -11.58 -17.19 -20.50
CA TYR B 75 -12.43 -18.32 -20.97
C TYR B 75 -12.99 -18.01 -22.38
N ARG B 76 -13.51 -16.81 -22.59
CA ARG B 76 -14.10 -16.43 -23.91
C ARG B 76 -12.99 -16.32 -24.98
N LEU B 77 -11.83 -15.77 -24.63
CA LEU B 77 -10.69 -15.64 -25.59
C LEU B 77 -10.30 -17.03 -26.05
N LEU B 78 -10.16 -18.00 -25.13
CA LEU B 78 -9.68 -19.36 -25.49
C LEU B 78 -10.73 -20.12 -26.31
N LEU B 79 -12.00 -20.12 -25.91
CA LEU B 79 -13.08 -20.81 -26.68
C LEU B 79 -13.29 -20.14 -28.04
N GLY B 80 -13.25 -18.82 -28.12
CA GLY B 80 -13.48 -18.07 -29.39
C GLY B 80 -12.38 -18.29 -30.41
N SER B 81 -11.19 -18.70 -29.96
CA SER B 81 -10.05 -19.05 -30.85
C SER B 81 -10.38 -20.32 -31.65
N GLY B 82 -11.24 -21.18 -31.09
CA GLY B 82 -11.55 -22.52 -31.62
C GLY B 82 -10.46 -23.56 -31.33
N LEU B 83 -9.38 -23.22 -30.60
CA LEU B 83 -8.19 -24.12 -30.46
C LEU B 83 -8.39 -25.23 -29.42
N PRO B 84 -8.90 -24.98 -28.18
CA PRO B 84 -9.00 -26.05 -27.17
C PRO B 84 -9.77 -27.27 -27.68
N GLN B 85 -10.95 -27.04 -28.27
CA GLN B 85 -11.84 -28.01 -28.95
C GLN B 85 -10.97 -28.92 -29.83
N LYS B 86 -10.08 -28.36 -30.66
CA LYS B 86 -9.32 -29.15 -31.67
C LYS B 86 -8.26 -30.04 -30.99
N PHE B 87 -7.85 -29.77 -29.75
CA PHE B 87 -6.74 -30.53 -29.11
C PHE B 87 -7.28 -31.35 -27.91
N GLY B 88 -8.57 -31.65 -27.90
CA GLY B 88 -9.19 -32.59 -26.93
C GLY B 88 -9.32 -32.00 -25.54
N CYS B 89 -9.35 -30.67 -25.41
CA CYS B 89 -9.52 -29.96 -24.13
C CYS B 89 -10.99 -29.52 -24.00
N SER B 90 -11.73 -30.15 -23.08
CA SER B 90 -13.16 -29.87 -22.80
C SER B 90 -13.29 -28.46 -22.25
N ASP B 91 -14.49 -27.90 -22.36
CA ASP B 91 -14.84 -26.60 -21.75
C ASP B 91 -14.52 -26.64 -20.23
N GLU B 92 -14.79 -27.77 -19.57
CA GLU B 92 -14.70 -27.85 -18.10
C GLU B 92 -13.22 -27.89 -17.66
N VAL B 93 -12.39 -28.67 -18.34
CA VAL B 93 -10.93 -28.75 -18.04
C VAL B 93 -10.32 -27.34 -18.27
N LEU B 94 -10.75 -26.62 -19.31
CA LEU B 94 -10.24 -25.26 -19.61
C LEU B 94 -10.54 -24.33 -18.43
N LEU B 95 -11.79 -24.31 -17.96
CA LEU B 95 -12.22 -23.41 -16.87
C LEU B 95 -11.50 -23.83 -15.57
N ASN B 96 -11.33 -25.13 -15.33
CA ASN B 96 -10.59 -25.61 -14.12
C ASN B 96 -9.17 -25.03 -14.14
N PHE B 97 -8.49 -25.15 -15.28
CA PHE B 97 -7.12 -24.64 -15.48
C PHE B 97 -7.09 -23.14 -15.13
N ILE B 98 -8.00 -22.37 -15.71
CA ILE B 98 -8.03 -20.88 -15.52
C ILE B 98 -8.14 -20.59 -14.02
N LEU B 99 -8.98 -21.33 -13.29
CA LEU B 99 -9.26 -21.06 -11.84
C LEU B 99 -8.11 -21.57 -10.95
N GLN B 100 -7.41 -22.64 -11.33
CA GLN B 100 -6.18 -23.07 -10.60
C GLN B 100 -5.07 -22.04 -10.77
N CYS B 101 -4.97 -21.42 -11.96
CA CYS B 101 -4.01 -20.30 -12.20
C CYS B 101 -4.40 -19.12 -11.29
N ARG B 102 -5.68 -18.75 -11.27
CA ARG B 102 -6.18 -17.57 -10.50
C ARG B 102 -5.83 -17.70 -9.02
N LYS B 103 -6.02 -18.87 -8.43
CA LYS B 103 -5.71 -19.14 -6.99
C LYS B 103 -4.21 -18.94 -6.66
N LYS B 104 -3.28 -18.97 -7.64
CA LYS B 104 -1.84 -18.82 -7.32
C LYS B 104 -1.33 -17.39 -7.59
N TYR B 105 -2.19 -16.42 -7.92
CA TYR B 105 -1.74 -15.01 -8.04
C TYR B 105 -2.06 -14.34 -6.71
N ARG B 106 -1.24 -13.36 -6.34
CA ARG B 106 -1.34 -12.67 -5.04
C ARG B 106 -1.97 -11.29 -5.22
N ASN B 107 -2.32 -10.70 -4.09
CA ASN B 107 -2.94 -9.37 -4.00
C ASN B 107 -1.80 -8.35 -4.02
N VAL B 108 -1.15 -8.17 -5.17
CA VAL B 108 -0.05 -7.18 -5.39
C VAL B 108 -0.54 -6.16 -6.41
N PRO B 109 0.06 -4.96 -6.50
CA PRO B 109 -0.48 -3.92 -7.37
C PRO B 109 -0.40 -4.19 -8.88
N TYR B 110 0.65 -4.88 -9.36
CA TYR B 110 0.88 -5.08 -10.82
C TYR B 110 0.89 -6.56 -11.23
N HIS B 111 1.75 -7.40 -10.65
CA HIS B 111 1.96 -8.80 -11.08
C HIS B 111 0.87 -9.68 -10.45
N ASN B 112 -0.38 -9.35 -10.73
CA ASN B 112 -1.58 -10.04 -10.20
C ASN B 112 -2.30 -10.76 -11.37
N PHE B 113 -3.47 -11.35 -11.11
CA PHE B 113 -4.23 -12.10 -12.12
C PHE B 113 -4.61 -11.19 -13.32
N TYR B 114 -4.80 -9.88 -13.10
CA TYR B 114 -5.27 -8.91 -14.12
C TYR B 114 -4.14 -8.73 -15.17
N HIS B 115 -2.89 -8.77 -14.72
CA HIS B 115 -1.75 -8.68 -15.66
C HIS B 115 -1.73 -9.88 -16.61
N VAL B 116 -1.97 -11.09 -16.11
CA VAL B 116 -1.78 -12.29 -16.98
C VAL B 116 -2.99 -12.40 -17.92
N VAL B 117 -4.18 -11.97 -17.51
CA VAL B 117 -5.37 -11.93 -18.42
C VAL B 117 -5.17 -10.85 -19.50
N ASP B 118 -4.60 -9.70 -19.13
CA ASP B 118 -4.20 -8.64 -20.07
C ASP B 118 -3.20 -9.20 -21.11
N VAL B 119 -2.16 -9.90 -20.67
CA VAL B 119 -1.14 -10.47 -21.62
C VAL B 119 -1.80 -11.50 -22.55
N CYS B 120 -2.73 -12.34 -22.05
CA CYS B 120 -3.51 -13.33 -22.84
C CYS B 120 -4.32 -12.58 -23.92
N GLN B 121 -5.09 -11.56 -23.54
CA GLN B 121 -5.92 -10.74 -24.47
C GLN B 121 -5.03 -10.05 -25.50
N THR B 122 -3.92 -9.47 -25.06
CA THR B 122 -2.99 -8.74 -25.94
C THR B 122 -2.41 -9.71 -26.97
N ILE B 123 -1.96 -10.90 -26.53
CA ILE B 123 -1.36 -11.91 -27.46
C ILE B 123 -2.42 -12.31 -28.52
N HIS B 124 -3.67 -12.50 -28.09
CA HIS B 124 -4.80 -12.77 -29.01
C HIS B 124 -4.84 -11.68 -30.10
N THR B 125 -4.73 -10.39 -29.75
CA THR B 125 -4.74 -9.30 -30.76
C THR B 125 -3.53 -9.41 -31.69
N PHE B 126 -2.32 -9.65 -31.15
CA PHE B 126 -1.10 -9.79 -31.98
C PHE B 126 -1.26 -10.96 -32.97
N LEU B 127 -1.83 -12.09 -32.53
CA LEU B 127 -1.97 -13.30 -33.40
C LEU B 127 -3.01 -12.99 -34.49
N TYR B 128 -4.20 -12.47 -34.12
CA TYR B 128 -5.40 -12.50 -35.01
C TYR B 128 -5.70 -11.13 -35.63
N ARG B 129 -5.41 -9.98 -34.97
CA ARG B 129 -5.48 -8.64 -35.63
C ARG B 129 -4.16 -8.29 -36.31
N GLY B 130 -3.01 -8.75 -35.81
CA GLY B 130 -1.70 -8.47 -36.44
C GLY B 130 -1.23 -9.58 -37.37
N ASN B 131 -2.02 -10.66 -37.48
CA ASN B 131 -1.83 -11.80 -38.43
C ASN B 131 -0.54 -12.57 -38.14
N VAL B 132 -0.03 -12.54 -36.91
CA VAL B 132 1.15 -13.37 -36.56
C VAL B 132 0.75 -14.88 -36.52
N TYR B 133 -0.53 -15.23 -36.40
CA TYR B 133 -1.01 -16.64 -36.48
C TYR B 133 -0.48 -17.30 -37.76
N GLU B 134 -0.24 -16.53 -38.83
CA GLU B 134 0.17 -17.05 -40.17
C GLU B 134 1.55 -17.70 -40.04
N LYS B 135 2.36 -17.29 -39.05
CA LYS B 135 3.75 -17.76 -38.86
C LYS B 135 3.83 -19.02 -37.98
N LEU B 136 2.74 -19.47 -37.35
CA LEU B 136 2.74 -20.52 -36.29
C LEU B 136 1.71 -21.62 -36.59
N THR B 137 1.90 -22.81 -36.02
CA THR B 137 0.87 -23.89 -36.08
C THR B 137 -0.30 -23.48 -35.17
N GLU B 138 -1.45 -24.12 -35.34
CA GLU B 138 -2.57 -24.00 -34.38
C GLU B 138 -2.12 -24.43 -32.98
N LEU B 139 -1.34 -25.51 -32.82
CA LEU B 139 -0.86 -25.94 -31.48
C LEU B 139 -0.04 -24.82 -30.82
N GLU B 140 0.87 -24.18 -31.53
CA GLU B 140 1.74 -23.08 -31.03
C GLU B 140 0.84 -21.91 -30.61
N CYS B 141 -0.21 -21.57 -31.35
CA CYS B 141 -1.17 -20.49 -30.99
C CYS B 141 -1.85 -20.87 -29.66
N PHE B 142 -2.31 -22.11 -29.52
CA PHE B 142 -2.96 -22.65 -28.30
C PHE B 142 -1.98 -22.55 -27.12
N VAL B 143 -0.74 -22.98 -27.29
CA VAL B 143 0.30 -22.96 -26.20
C VAL B 143 0.53 -21.49 -25.78
N LEU B 144 0.56 -20.53 -26.71
CA LEU B 144 0.87 -19.13 -26.36
C LEU B 144 -0.25 -18.59 -25.46
N LEU B 145 -1.51 -18.83 -25.83
CA LEU B 145 -2.66 -18.27 -25.08
C LEU B 145 -2.70 -18.88 -23.66
N ILE B 146 -2.38 -20.17 -23.52
CA ILE B 146 -2.31 -20.90 -22.22
C ILE B 146 -1.12 -20.37 -21.41
N THR B 147 0.05 -20.23 -22.04
CA THR B 147 1.30 -19.81 -21.36
C THR B 147 1.11 -18.41 -20.76
N ALA B 148 0.36 -17.53 -21.40
CA ALA B 148 0.11 -16.17 -20.85
C ALA B 148 -0.42 -16.28 -19.41
N LEU B 149 -1.28 -17.27 -19.15
CA LEU B 149 -1.99 -17.37 -17.86
C LEU B 149 -1.10 -17.99 -16.78
N VAL B 150 0.00 -18.69 -17.12
CA VAL B 150 0.95 -19.28 -16.13
C VAL B 150 2.22 -18.42 -15.94
N HIS B 151 2.47 -17.39 -16.75
CA HIS B 151 3.86 -16.85 -16.92
C HIS B 151 4.38 -16.09 -15.67
N ASP B 152 3.53 -15.70 -14.70
CA ASP B 152 3.98 -14.98 -13.47
C ASP B 152 3.42 -15.63 -12.18
N LEU B 153 3.10 -16.92 -12.18
CA LEU B 153 2.43 -17.62 -11.06
C LEU B 153 3.20 -17.34 -9.75
N ASP B 154 2.48 -16.91 -8.72
CA ASP B 154 2.96 -16.74 -7.33
C ASP B 154 3.99 -15.61 -7.25
N HIS B 155 3.83 -14.56 -8.08
CA HIS B 155 4.70 -13.37 -7.97
C HIS B 155 4.35 -12.65 -6.65
N MET B 156 5.34 -12.07 -5.98
CA MET B 156 5.17 -11.38 -4.66
C MET B 156 5.41 -9.85 -4.81
N GLY B 157 5.67 -9.36 -6.02
CA GLY B 157 5.91 -7.93 -6.32
C GLY B 157 7.35 -7.52 -6.09
N LEU B 158 8.26 -8.51 -6.10
CA LEU B 158 9.72 -8.33 -5.94
C LEU B 158 10.42 -8.95 -7.15
N ASN B 159 11.42 -8.27 -7.72
CA ASN B 159 12.14 -8.76 -8.94
C ASN B 159 13.32 -9.69 -8.56
N ASN B 160 13.93 -10.30 -9.57
CA ASN B 160 15.01 -11.28 -9.36
C ASN B 160 16.13 -10.69 -8.50
N SER B 161 16.45 -9.43 -8.75
CA SER B 161 17.51 -8.69 -8.04
C SER B 161 17.27 -8.68 -6.53
N PHE B 162 16.05 -8.44 -6.08
CA PHE B 162 15.70 -8.45 -4.64
C PHE B 162 16.21 -9.75 -3.97
N TYR B 163 15.86 -10.92 -4.53
CA TYR B 163 16.18 -12.24 -3.95
C TYR B 163 17.71 -12.42 -3.89
N LEU B 164 18.46 -12.01 -4.92
CA LEU B 164 19.94 -12.20 -4.98
C LEU B 164 20.63 -11.21 -4.03
N LYS B 165 20.30 -9.92 -4.03
CA LYS B 165 21.10 -8.98 -3.20
C LYS B 165 20.71 -9.12 -1.71
N THR B 166 19.53 -9.65 -1.33
CA THR B 166 19.20 -9.88 0.10
C THR B 166 19.62 -11.29 0.53
N GLU B 167 20.11 -12.14 -0.36
CA GLU B 167 20.39 -13.58 -0.05
C GLU B 167 19.16 -14.21 0.59
N SER B 168 17.99 -13.98 0.01
CA SER B 168 16.73 -14.66 0.38
C SER B 168 16.89 -16.13 -0.02
N PRO B 169 16.24 -17.10 0.67
CA PRO B 169 16.48 -18.52 0.38
C PRO B 169 16.28 -18.94 -1.09
N LEU B 170 15.27 -18.41 -1.80
CA LEU B 170 15.15 -18.73 -3.26
C LEU B 170 16.35 -18.19 -4.05
N GLY B 171 16.86 -17.02 -3.68
CA GLY B 171 18.08 -16.44 -4.30
C GLY B 171 19.29 -17.35 -4.09
N ILE B 172 19.45 -17.87 -2.87
CA ILE B 172 20.58 -18.80 -2.52
C ILE B 172 20.48 -20.05 -3.40
N LEU B 173 19.29 -20.65 -3.48
CA LEU B 173 19.04 -21.85 -4.31
C LEU B 173 19.40 -21.57 -5.79
N SER B 174 19.01 -20.43 -6.35
CA SER B 174 19.32 -20.05 -7.75
C SER B 174 20.84 -19.95 -7.96
N SER B 175 21.54 -19.27 -7.06
CA SER B 175 23.02 -19.17 -7.09
C SER B 175 23.65 -20.57 -7.03
N ALA B 176 23.26 -21.41 -6.08
CA ALA B 176 23.85 -22.76 -5.88
C ALA B 176 23.60 -23.59 -7.15
N SER B 177 22.42 -23.48 -7.75
CA SER B 177 21.96 -24.38 -8.85
C SER B 177 22.40 -23.85 -10.22
N GLY B 178 22.89 -22.61 -10.32
CA GLY B 178 23.47 -22.02 -11.54
C GLY B 178 22.45 -21.34 -12.47
N ASN B 179 21.21 -21.02 -12.04
CA ASN B 179 20.26 -20.24 -12.90
C ASN B 179 19.81 -18.98 -12.15
N THR B 180 20.18 -17.80 -12.68
CA THR B 180 19.82 -16.47 -12.10
C THR B 180 18.38 -16.06 -12.43
N SER B 181 17.61 -16.83 -13.22
CA SER B 181 16.19 -16.49 -13.48
C SER B 181 15.34 -16.98 -12.30
N VAL B 182 15.49 -16.34 -11.12
CA VAL B 182 14.86 -16.81 -9.85
C VAL B 182 13.36 -17.02 -10.04
N LEU B 183 12.64 -15.99 -10.46
CA LEU B 183 11.15 -16.06 -10.53
C LEU B 183 10.68 -16.97 -11.67
N GLU B 184 11.34 -16.89 -12.84
CA GLU B 184 10.86 -17.58 -14.09
C GLU B 184 10.93 -19.09 -13.88
N VAL B 185 11.96 -19.60 -13.21
CA VAL B 185 12.02 -21.07 -12.87
C VAL B 185 10.87 -21.41 -11.89
N HIS B 186 10.60 -20.57 -10.90
CA HIS B 186 9.50 -20.78 -9.91
C HIS B 186 8.16 -20.80 -10.65
N HIS B 187 7.90 -19.87 -11.56
CA HIS B 187 6.63 -19.87 -12.33
C HIS B 187 6.48 -21.20 -13.11
N CYS B 188 7.54 -21.67 -13.80
CA CYS B 188 7.52 -22.94 -14.59
C CYS B 188 7.19 -24.12 -13.67
N ASN B 189 7.78 -24.14 -12.48
CA ASN B 189 7.53 -25.21 -11.47
C ASN B 189 6.05 -25.25 -11.11
N LEU B 190 5.41 -24.10 -10.84
CA LEU B 190 3.99 -24.12 -10.44
C LEU B 190 3.11 -24.46 -11.67
N ALA B 191 3.52 -24.13 -12.89
CA ALA B 191 2.71 -24.48 -14.10
C ALA B 191 2.66 -26.01 -14.27
N VAL B 192 3.80 -26.67 -14.13
CA VAL B 192 3.91 -28.15 -14.24
C VAL B 192 3.01 -28.80 -13.17
N GLU B 193 3.03 -28.25 -11.96
CA GLU B 193 2.16 -28.69 -10.83
C GLU B 193 0.68 -28.59 -11.24
N ILE B 194 0.20 -27.46 -11.74
CA ILE B 194 -1.24 -27.33 -12.17
C ILE B 194 -1.60 -28.38 -13.24
N LEU B 195 -0.70 -28.63 -14.20
CA LEU B 195 -0.96 -29.52 -15.37
C LEU B 195 -0.85 -31.01 -14.98
N SER B 196 -0.31 -31.33 -13.80
CA SER B 196 -0.11 -32.73 -13.35
C SER B 196 -1.45 -33.35 -12.87
N ASP B 197 -2.44 -32.52 -12.56
CA ASP B 197 -3.83 -32.93 -12.28
C ASP B 197 -4.62 -33.02 -13.59
N PRO B 198 -5.13 -34.23 -13.97
CA PRO B 198 -5.88 -34.40 -15.23
C PRO B 198 -7.06 -33.44 -15.41
N GLU B 199 -7.69 -33.03 -14.32
CA GLU B 199 -8.89 -32.15 -14.27
C GLU B 199 -8.55 -30.72 -14.76
N SER B 200 -7.27 -30.34 -14.73
CA SER B 200 -6.79 -29.01 -15.19
C SER B 200 -5.63 -29.15 -16.20
N ASP B 201 -5.43 -30.35 -16.78
CA ASP B 201 -4.38 -30.58 -17.81
C ASP B 201 -4.92 -30.25 -19.21
N VAL B 202 -4.76 -29.00 -19.65
CA VAL B 202 -5.25 -28.54 -20.98
C VAL B 202 -4.46 -29.23 -22.09
N PHE B 203 -3.40 -29.96 -21.75
CA PHE B 203 -2.54 -30.68 -22.73
C PHE B 203 -2.78 -32.21 -22.67
N ASP B 204 -3.80 -32.66 -21.94
CA ASP B 204 -4.00 -34.12 -21.71
C ASP B 204 -4.48 -34.77 -23.02
N GLY B 205 -5.09 -34.01 -23.93
CA GLY B 205 -5.54 -34.51 -25.24
C GLY B 205 -4.41 -34.68 -26.26
N LEU B 206 -3.17 -34.41 -25.90
CA LEU B 206 -2.01 -34.49 -26.82
C LEU B 206 -1.20 -35.76 -26.52
N GLU B 207 -0.38 -36.21 -27.48
CA GLU B 207 0.43 -37.45 -27.34
C GLU B 207 1.76 -37.26 -28.04
N GLY B 208 2.75 -38.07 -27.70
CA GLY B 208 4.05 -38.11 -28.38
C GLY B 208 4.66 -36.72 -28.54
N ALA B 209 5.10 -36.41 -29.76
CA ALA B 209 5.90 -35.21 -30.04
C ALA B 209 5.06 -33.93 -29.80
N GLU B 210 3.75 -33.94 -30.07
CA GLU B 210 2.87 -32.75 -29.81
C GLU B 210 2.88 -32.43 -28.31
N ARG B 211 2.72 -33.44 -27.44
CA ARG B 211 2.68 -33.19 -25.96
C ARG B 211 4.03 -32.64 -25.50
N THR B 212 5.15 -33.21 -25.97
CA THR B 212 6.50 -32.74 -25.65
C THR B 212 6.67 -31.27 -26.09
N LEU B 213 6.28 -30.94 -27.33
CA LEU B 213 6.45 -29.57 -27.88
C LEU B 213 5.65 -28.60 -27.01
N ALA B 214 4.45 -28.96 -26.55
CA ALA B 214 3.60 -28.08 -25.75
C ALA B 214 4.33 -27.72 -24.45
N PHE B 215 4.89 -28.70 -23.73
CA PHE B 215 5.57 -28.47 -22.43
C PHE B 215 6.89 -27.74 -22.69
N ARG B 216 7.67 -28.16 -23.69
CA ARG B 216 8.99 -27.51 -23.92
C ARG B 216 8.79 -26.05 -24.38
N SER B 217 7.84 -25.80 -25.29
CA SER B 217 7.62 -24.43 -25.84
C SER B 217 7.09 -23.52 -24.72
N MET B 218 6.17 -24.02 -23.88
CA MET B 218 5.62 -23.24 -22.71
C MET B 218 6.77 -22.82 -21.78
N ILE B 219 7.63 -23.78 -21.39
CA ILE B 219 8.79 -23.52 -20.48
C ILE B 219 9.80 -22.58 -21.15
N ASP B 220 10.14 -22.78 -22.42
CA ASP B 220 11.07 -21.86 -23.15
C ASP B 220 10.52 -20.43 -23.13
N CYS B 221 9.25 -20.24 -23.43
CA CYS B 221 8.60 -18.90 -23.46
C CYS B 221 8.66 -18.23 -22.06
N VAL B 222 8.28 -18.95 -20.99
CA VAL B 222 8.36 -18.38 -19.61
C VAL B 222 9.79 -17.98 -19.27
N LEU B 223 10.78 -18.86 -19.50
CA LEU B 223 12.21 -18.56 -19.20
C LEU B 223 12.68 -17.31 -19.97
N ALA B 224 12.16 -17.06 -21.17
CA ALA B 224 12.58 -15.93 -22.04
C ALA B 224 12.01 -14.58 -21.55
N THR B 225 11.07 -14.56 -20.61
CA THR B 225 10.48 -13.30 -20.07
C THR B 225 11.42 -12.62 -19.04
N ASP B 226 12.54 -13.26 -18.64
CA ASP B 226 13.57 -12.63 -17.76
C ASP B 226 14.21 -11.46 -18.52
N MET B 227 14.00 -10.23 -18.07
CA MET B 227 14.44 -9.02 -18.82
C MET B 227 15.96 -8.92 -18.86
N ALA B 228 16.70 -9.65 -18.01
CA ALA B 228 18.16 -9.77 -18.08
C ALA B 228 18.59 -10.40 -19.42
N LYS B 229 17.71 -11.19 -20.06
CA LYS B 229 17.99 -11.89 -21.34
C LYS B 229 17.28 -11.19 -22.51
N HIS B 230 16.79 -9.95 -22.31
CA HIS B 230 16.01 -9.21 -23.33
C HIS B 230 16.80 -9.06 -24.64
N GLY B 231 18.01 -8.51 -24.56
CA GLY B 231 18.87 -8.23 -25.72
C GLY B 231 19.16 -9.48 -26.53
N SER B 232 19.51 -10.58 -25.88
CA SER B 232 19.96 -11.81 -26.57
C SER B 232 18.77 -12.53 -27.23
N ALA B 233 17.59 -12.52 -26.60
CA ALA B 233 16.33 -13.06 -27.15
C ALA B 233 15.91 -12.27 -28.40
N LEU B 234 16.02 -10.95 -28.39
CA LEU B 234 15.71 -10.07 -29.54
C LEU B 234 16.67 -10.38 -30.71
N GLU B 235 17.97 -10.49 -30.44
CA GLU B 235 18.98 -10.73 -31.51
C GLU B 235 18.79 -12.12 -32.12
N ALA B 236 18.53 -13.14 -31.30
CA ALA B 236 18.24 -14.51 -31.77
C ALA B 236 16.97 -14.51 -32.66
N PHE B 237 15.88 -13.84 -32.27
CA PHE B 237 14.67 -13.72 -33.13
C PHE B 237 15.03 -13.03 -34.45
N LEU B 238 15.71 -11.88 -34.42
CA LEU B 238 16.03 -11.08 -35.65
C LEU B 238 16.90 -11.92 -36.60
N ALA B 239 17.83 -12.73 -36.07
CA ALA B 239 18.70 -13.60 -36.88
C ALA B 239 17.91 -14.77 -37.50
N SER B 240 17.00 -15.38 -36.75
CA SER B 240 16.15 -16.49 -37.26
C SER B 240 15.21 -15.94 -38.35
N ALA B 241 14.73 -14.70 -38.24
CA ALA B 241 13.79 -14.06 -39.19
C ALA B 241 14.50 -13.65 -40.49
N ALA B 242 15.76 -13.26 -40.41
CA ALA B 242 16.56 -12.88 -41.60
C ALA B 242 16.92 -14.15 -42.38
N ASP B 243 16.69 -15.34 -41.80
CA ASP B 243 17.11 -16.65 -42.38
C ASP B 243 16.13 -17.76 -41.93
N GLN B 244 14.82 -17.50 -42.03
CA GLN B 244 13.77 -18.34 -41.39
C GLN B 244 13.64 -19.69 -42.09
N SER B 245 14.00 -19.79 -43.38
CA SER B 245 13.86 -21.04 -44.18
C SER B 245 15.16 -21.88 -44.12
N SER B 246 16.26 -21.32 -43.62
CA SER B 246 17.44 -22.15 -43.23
C SER B 246 17.07 -23.00 -42.01
N ASP B 247 16.27 -22.50 -41.06
CA ASP B 247 15.91 -23.28 -39.83
C ASP B 247 14.49 -22.93 -39.33
N GLU B 248 13.51 -23.66 -39.86
CA GLU B 248 12.07 -23.38 -39.64
C GLU B 248 11.70 -23.58 -38.17
N ALA B 249 12.06 -24.72 -37.58
CA ALA B 249 11.77 -25.06 -36.16
C ALA B 249 12.27 -23.93 -35.23
N ALA B 250 13.48 -23.43 -35.47
CA ALA B 250 14.10 -22.33 -34.70
C ALA B 250 13.29 -21.05 -34.84
N PHE B 251 12.87 -20.69 -36.06
CA PHE B 251 12.09 -19.45 -36.32
C PHE B 251 10.76 -19.54 -35.56
N HIS B 252 10.10 -20.68 -35.61
CA HIS B 252 8.83 -20.94 -34.89
C HIS B 252 9.05 -20.67 -33.39
N ARG B 253 10.08 -21.30 -32.80
CA ARG B 253 10.30 -21.21 -31.33
C ARG B 253 10.59 -19.74 -30.94
N MET B 254 11.44 -19.05 -31.68
CA MET B 254 11.81 -17.64 -31.37
C MET B 254 10.59 -16.71 -31.56
N THR B 255 9.73 -16.95 -32.55
CA THR B 255 8.51 -16.13 -32.75
C THR B 255 7.62 -16.28 -31.50
N MET B 256 7.43 -17.49 -30.99
CA MET B 256 6.68 -17.73 -29.72
C MET B 256 7.31 -16.90 -28.57
N GLU B 257 8.61 -17.00 -28.37
CA GLU B 257 9.31 -16.31 -27.25
C GLU B 257 9.14 -14.78 -27.39
N ILE B 258 9.23 -14.26 -28.62
CA ILE B 258 9.19 -12.80 -28.88
C ILE B 258 7.73 -12.30 -28.69
N ILE B 259 6.72 -13.11 -28.99
CA ILE B 259 5.29 -12.69 -28.84
C ILE B 259 4.90 -12.67 -27.35
N LEU B 260 5.32 -13.66 -26.54
CA LEU B 260 5.11 -13.59 -25.09
C LEU B 260 5.84 -12.38 -24.53
N LYS B 261 7.10 -12.14 -24.90
CA LYS B 261 7.84 -10.92 -24.47
C LYS B 261 7.08 -9.65 -24.88
N ALA B 262 6.60 -9.55 -26.12
CA ALA B 262 5.87 -8.37 -26.63
C ALA B 262 4.60 -8.13 -25.79
N GLY B 263 3.82 -9.17 -25.49
CA GLY B 263 2.62 -9.06 -24.63
C GLY B 263 3.02 -8.54 -23.26
N ASP B 264 4.13 -9.02 -22.72
CA ASP B 264 4.57 -8.69 -21.36
C ASP B 264 4.92 -7.19 -21.24
N ILE B 265 5.47 -6.57 -22.30
CA ILE B 265 5.83 -5.10 -22.25
C ILE B 265 4.90 -4.28 -23.17
N SER B 266 3.66 -4.70 -23.36
CA SER B 266 2.66 -4.10 -24.27
C SER B 266 1.91 -2.90 -23.64
N ASN B 267 2.13 -2.58 -22.35
CA ASN B 267 1.30 -1.55 -21.65
C ASN B 267 1.38 -0.22 -22.42
N VAL B 268 2.56 0.12 -22.95
CA VAL B 268 2.82 1.41 -23.67
C VAL B 268 2.20 1.38 -25.08
N THR B 269 1.63 0.26 -25.56
CA THR B 269 1.01 0.17 -26.93
C THR B 269 -0.50 0.42 -26.85
N LYS B 270 -1.05 0.71 -25.66
CA LYS B 270 -2.52 0.79 -25.46
C LYS B 270 -3.00 2.25 -25.52
N PRO B 271 -4.32 2.49 -25.70
CA PRO B 271 -4.88 3.84 -25.59
C PRO B 271 -4.41 4.52 -24.30
N PHE B 272 -4.07 5.81 -24.41
CA PHE B 272 -3.33 6.56 -23.36
C PHE B 272 -3.93 6.31 -21.98
N ASP B 273 -5.25 6.41 -21.80
CA ASP B 273 -5.88 6.29 -20.45
C ASP B 273 -5.63 4.89 -19.83
N ILE B 274 -5.71 3.82 -20.63
CA ILE B 274 -5.38 2.43 -20.18
C ILE B 274 -3.90 2.37 -19.80
N SER B 275 -3.04 2.93 -20.67
CA SER B 275 -1.56 2.92 -20.52
C SER B 275 -1.16 3.59 -19.19
N ARG B 276 -1.76 4.73 -18.88
CA ARG B 276 -1.49 5.51 -17.64
C ARG B 276 -1.85 4.66 -16.40
N GLN B 277 -3.00 4.01 -16.41
CA GLN B 277 -3.42 3.18 -15.25
C GLN B 277 -2.38 2.06 -15.01
N TRP B 278 -1.89 1.39 -16.06
CA TRP B 278 -0.83 0.34 -15.92
C TRP B 278 0.42 0.98 -15.29
N ALA B 279 0.80 2.17 -15.75
CA ALA B 279 2.02 2.87 -15.28
C ALA B 279 1.90 3.18 -13.78
N MET B 280 0.72 3.61 -13.32
CA MET B 280 0.47 3.87 -11.87
C MET B 280 0.67 2.56 -11.08
N ALA B 281 0.09 1.45 -11.55
CA ALA B 281 0.14 0.13 -10.87
C ALA B 281 1.59 -0.39 -10.78
N VAL B 282 2.40 -0.30 -11.85
CA VAL B 282 3.80 -0.81 -11.79
C VAL B 282 4.66 0.07 -10.87
N THR B 283 4.45 1.39 -10.89
CA THR B 283 5.23 2.36 -10.06
C THR B 283 5.02 2.05 -8.57
N GLU B 284 3.78 1.79 -8.17
CA GLU B 284 3.44 1.47 -6.75
C GLU B 284 4.15 0.16 -6.36
N GLU B 285 4.18 -0.85 -7.23
CA GLU B 285 4.86 -2.14 -6.93
C GLU B 285 6.36 -1.90 -6.78
N PHE B 286 6.97 -1.11 -7.66
CA PHE B 286 8.41 -0.77 -7.55
C PHE B 286 8.67 -0.08 -6.19
N TYR B 287 7.83 0.86 -5.82
CA TYR B 287 8.00 1.62 -4.56
C TYR B 287 7.94 0.70 -3.35
N ARG B 288 7.01 -0.24 -3.36
CA ARG B 288 6.88 -1.24 -2.28
C ARG B 288 8.15 -2.11 -2.21
N GLN B 289 8.77 -2.44 -3.35
CA GLN B 289 10.02 -3.21 -3.31
C GLN B 289 11.06 -2.37 -2.58
N GLY B 290 11.19 -1.10 -2.96
CA GLY B 290 12.12 -0.18 -2.29
C GLY B 290 11.89 -0.14 -0.78
N ASP B 291 10.63 -0.04 -0.36
CA ASP B 291 10.27 -0.03 1.08
C ASP B 291 10.83 -1.28 1.76
N MET B 292 10.67 -2.45 1.14
CA MET B 292 11.17 -3.71 1.72
C MET B 292 12.71 -3.77 1.69
N GLU B 293 13.34 -3.21 0.67
CA GLU B 293 14.84 -3.13 0.67
C GLU B 293 15.32 -2.24 1.83
N LYS B 294 14.62 -1.16 2.15
CA LYS B 294 14.97 -0.29 3.32
C LYS B 294 14.90 -1.14 4.60
N GLU B 295 13.82 -1.88 4.80
CA GLU B 295 13.62 -2.83 5.93
C GLU B 295 14.81 -3.81 6.04
N ARG B 296 15.29 -4.36 4.91
CA ARG B 296 16.45 -5.30 4.88
C ARG B 296 17.79 -4.56 5.00
N GLY B 297 17.82 -3.22 4.97
CA GLY B 297 19.09 -2.44 4.92
C GLY B 297 19.94 -2.71 3.66
N VAL B 298 19.37 -2.89 2.48
CA VAL B 298 20.18 -3.03 1.23
C VAL B 298 19.97 -1.79 0.36
N GLU B 299 20.82 -1.62 -0.67
CA GLU B 299 20.75 -0.50 -1.63
C GLU B 299 19.36 -0.42 -2.26
N VAL B 300 18.80 0.78 -2.37
CA VAL B 300 17.57 1.07 -3.15
C VAL B 300 17.96 1.87 -4.40
N LEU B 301 17.68 1.34 -5.60
CA LEU B 301 17.93 2.09 -6.87
C LEU B 301 16.91 3.24 -6.94
N PRO B 302 17.26 4.39 -7.56
CA PRO B 302 16.36 5.54 -7.63
C PRO B 302 14.93 5.29 -8.16
N MET B 303 14.73 4.44 -9.18
CA MET B 303 13.36 4.15 -9.72
C MET B 303 12.53 3.35 -8.71
N PHE B 304 13.15 2.82 -7.65
CA PHE B 304 12.44 2.02 -6.62
C PHE B 304 12.17 2.87 -5.37
N ASP B 305 12.72 4.08 -5.32
CA ASP B 305 12.74 4.93 -4.10
C ASP B 305 11.66 6.00 -4.14
N ARG B 306 10.69 5.92 -3.24
CA ARG B 306 9.57 6.89 -3.13
C ARG B 306 10.08 8.29 -2.76
N SER B 307 11.18 8.38 -2.00
CA SER B 307 11.71 9.67 -1.52
C SER B 307 12.22 10.58 -2.65
N LYS B 308 12.41 10.05 -3.86
CA LYS B 308 12.87 10.91 -4.97
C LYS B 308 11.66 11.64 -5.55
N ASN B 309 10.45 11.16 -5.22
CA ASN B 309 9.17 11.74 -5.70
C ASN B 309 9.25 11.97 -7.21
N MET B 310 9.77 11.01 -7.97
CA MET B 310 9.98 11.27 -9.42
C MET B 310 8.62 11.21 -10.14
N GLU B 311 8.54 11.83 -11.31
CA GLU B 311 7.29 11.93 -12.11
C GLU B 311 6.99 10.58 -12.78
N LEU B 312 5.72 10.17 -12.79
CA LEU B 312 5.20 9.06 -13.62
C LEU B 312 5.69 9.20 -15.08
N ALA B 313 5.53 10.40 -15.68
CA ALA B 313 5.82 10.68 -17.11
C ALA B 313 7.30 10.43 -17.42
N LYS B 314 8.26 10.86 -16.59
CA LYS B 314 9.70 10.68 -16.89
C LYS B 314 10.02 9.18 -17.00
N GLY B 315 9.41 8.35 -16.14
CA GLY B 315 9.60 6.88 -16.12
C GLY B 315 9.11 6.23 -17.40
N GLN B 316 7.91 6.57 -17.84
CA GLN B 316 7.29 6.06 -19.10
C GLN B 316 8.12 6.49 -20.32
N ILE B 317 8.54 7.75 -20.40
CA ILE B 317 9.33 8.25 -21.56
C ILE B 317 10.67 7.52 -21.59
N GLY B 318 11.32 7.32 -20.44
CA GLY B 318 12.61 6.57 -20.41
C GLY B 318 12.42 5.13 -20.87
N PHE B 319 11.39 4.44 -20.38
CA PHE B 319 11.12 3.02 -20.76
C PHE B 319 10.84 2.96 -22.28
N ILE B 320 10.03 3.89 -22.79
CA ILE B 320 9.74 4.01 -24.26
C ILE B 320 11.05 4.19 -25.04
N ASP B 321 11.93 5.12 -24.64
CA ASP B 321 13.11 5.52 -25.46
C ASP B 321 14.16 4.41 -25.46
N PHE B 322 14.47 3.80 -24.30
CA PHE B 322 15.59 2.83 -24.17
C PHE B 322 15.12 1.38 -24.34
N VAL B 323 13.86 1.03 -24.11
CA VAL B 323 13.42 -0.40 -24.14
C VAL B 323 12.37 -0.64 -25.24
N ALA B 324 11.16 -0.07 -25.09
CA ALA B 324 9.94 -0.50 -25.80
C ALA B 324 9.91 -0.01 -27.25
N ALA B 325 10.29 1.24 -27.58
CA ALA B 325 10.14 1.73 -28.98
C ALA B 325 11.12 0.98 -29.86
N PRO B 326 12.41 0.81 -29.49
CA PRO B 326 13.33 0.00 -30.29
C PRO B 326 12.86 -1.46 -30.46
N PHE B 327 12.29 -2.08 -29.42
CA PHE B 327 11.87 -3.50 -29.47
C PHE B 327 10.75 -3.63 -30.51
N PHE B 328 9.69 -2.83 -30.41
CA PHE B 328 8.50 -2.93 -31.31
C PHE B 328 8.91 -2.55 -32.74
N GLN B 329 9.80 -1.58 -32.92
CA GLN B 329 10.19 -1.10 -34.27
C GLN B 329 10.95 -2.25 -34.96
N LYS B 330 11.90 -2.86 -34.25
CA LYS B 330 12.80 -3.91 -34.80
C LYS B 330 11.99 -5.16 -35.20
N ILE B 331 11.04 -5.62 -34.37
CA ILE B 331 10.30 -6.88 -34.69
C ILE B 331 9.28 -6.58 -35.83
N VAL B 332 8.67 -5.41 -35.85
CA VAL B 332 7.72 -5.02 -36.94
C VAL B 332 8.49 -4.97 -38.26
N ASP B 333 9.62 -4.29 -38.31
CA ASP B 333 10.41 -4.10 -39.55
C ASP B 333 10.96 -5.45 -40.02
N ALA B 334 11.42 -6.32 -39.11
CA ALA B 334 12.09 -7.59 -39.46
C ALA B 334 11.09 -8.56 -40.07
N CYS B 335 9.82 -8.53 -39.66
CA CYS B 335 8.93 -9.69 -39.86
C CYS B 335 7.44 -9.40 -39.60
N LEU B 336 7.10 -8.71 -38.51
CA LEU B 336 5.71 -8.66 -37.98
C LEU B 336 5.02 -7.37 -38.42
N GLN B 337 4.82 -7.21 -39.75
CA GLN B 337 4.29 -5.96 -40.38
C GLN B 337 2.88 -5.67 -39.91
N GLY B 338 2.09 -6.71 -39.66
CA GLY B 338 0.71 -6.53 -39.20
C GLY B 338 0.62 -5.86 -37.83
N MET B 339 1.71 -5.80 -37.03
CA MET B 339 1.70 -5.15 -35.68
C MET B 339 2.16 -3.68 -35.75
N GLN B 340 2.09 -3.02 -36.92
CA GLN B 340 2.52 -1.60 -37.10
C GLN B 340 1.81 -0.68 -36.07
N TRP B 341 0.54 -0.91 -35.76
CA TRP B 341 -0.24 -0.07 -34.81
C TRP B 341 0.51 0.07 -33.46
N THR B 342 1.35 -0.90 -33.05
CA THR B 342 2.00 -0.85 -31.73
C THR B 342 3.01 0.31 -31.74
N VAL B 343 3.78 0.44 -32.82
CA VAL B 343 4.79 1.51 -33.04
C VAL B 343 4.07 2.88 -33.08
N ASP B 344 2.95 2.97 -33.81
CA ASP B 344 2.16 4.22 -33.95
C ASP B 344 1.73 4.68 -32.55
N ARG B 345 1.18 3.78 -31.75
CA ARG B 345 0.59 4.13 -30.45
C ARG B 345 1.68 4.46 -29.41
N ILE B 346 2.85 3.81 -29.45
CA ILE B 346 3.98 4.22 -28.56
C ILE B 346 4.35 5.68 -28.87
N LYS B 347 4.31 6.09 -30.15
CA LYS B 347 4.63 7.48 -30.58
C LYS B 347 3.61 8.46 -29.99
N SER B 348 2.32 8.21 -30.17
CA SER B 348 1.25 9.12 -29.68
C SER B 348 1.24 9.14 -28.13
N ASN B 349 1.59 8.04 -27.46
CA ASN B 349 1.64 8.01 -25.98
C ASN B 349 2.84 8.82 -25.48
N ARG B 350 4.02 8.67 -26.08
CA ARG B 350 5.21 9.46 -25.69
C ARG B 350 4.88 10.96 -25.79
N ALA B 351 4.25 11.40 -26.88
CA ALA B 351 3.85 12.81 -27.12
C ALA B 351 2.94 13.30 -25.99
N GLN B 352 1.97 12.47 -25.59
CA GLN B 352 1.02 12.79 -24.51
C GLN B 352 1.73 12.90 -23.14
N TRP B 353 2.71 12.04 -22.82
CA TRP B 353 3.50 12.14 -21.56
C TRP B 353 4.31 13.46 -21.58
N GLU B 354 4.80 13.90 -22.74
CA GLU B 354 5.53 15.19 -22.88
C GLU B 354 4.59 16.36 -22.53
N ARG B 355 3.32 16.30 -22.95
CA ARG B 355 2.29 17.32 -22.64
C ARG B 355 1.92 17.30 -21.14
N VAL B 356 1.91 16.12 -20.53
CA VAL B 356 1.66 15.97 -19.08
C VAL B 356 2.76 16.70 -18.30
N LEU B 357 4.02 16.62 -18.72
CA LEU B 357 5.16 17.22 -17.99
C LEU B 357 5.03 18.75 -17.93
N GLU B 358 4.68 19.41 -19.05
CA GLU B 358 4.76 20.89 -19.19
C GLU B 358 3.43 21.53 -18.76
N THR B 359 2.64 20.89 -17.89
CA THR B 359 1.36 21.42 -17.35
C THR B 359 1.11 20.89 -15.93
#